data_8HBD
#
_entry.id   8HBD
#
_cell.length_a   1.00
_cell.length_b   1.00
_cell.length_c   1.00
_cell.angle_alpha   90.00
_cell.angle_beta   90.00
_cell.angle_gamma   90.00
#
_symmetry.space_group_name_H-M   'P 1'
#
loop_
_entity.id
_entity.type
_entity.pdbx_description
1 polymer 'Guanine nucleotide-binding protein G(i) subunit alpha-1'
2 polymer 'Guanine nucleotide-binding protein G(I)/G(S)/G(T) subunit beta-1'
3 polymer 'Guanine nucleotide-binding protein G(I)/G(S)/G(O) subunit gamma-2'
4 polymer scFv16
5 polymer IRL1620
6 polymer 'Endothelin receptor type B,Endothelin receptor type B,Oplophorus-luciferin 2-monooxygenase catalytic subunit chimera'
#
loop_
_entity_poly.entity_id
_entity_poly.type
_entity_poly.pdbx_seq_one_letter_code
_entity_poly.pdbx_strand_id
1 'polypeptide(L)'
;MGCTLSAEDKAAVERSKMIDRNLREDGEKAAREVKLLLLGAGESGKSTIVKQMKIIHEAGYSEEECKQYKAVVYSNTIQS
IIAIIRAMGRLKIDFGDSARADDARQLFVLAGAAEEGFMTAELAGVIKRLWKDSGVQACFNRSREYQLNDSAAYYLNDLD
RIAQPNYIPTQQDVLRTRVKTTGIVETHFTFKDLHFKMFDVGAQRSERKKWIHCFEGVTAIIFCVALSDYDLVLAEDEEM
NRMHESMKLFDSICNNKWFTDTSIILFLNKKDLFEEKIKKSPLTICYPEYAGSNTYEEAAAYIQCQFEDLNKRKDTKEIY
THFTCSTDTKNVQFVFDAVTDVIIKNNLKDCGLF
;
A
2 'polypeptide(L)'
;MHHHHHHGSLLQSELDQLRQEAEQLKNQIRDARKACADATLSQITNNIDPVGRIQMRTRRTLRGHLAKIYAMHWGTDSRL
LVSASQDGKLIIWDSYTTNKVHAIPLRSSWVMTCAYAPSGNYVACGGLDNICSIYNLKTREGNVRVSRELAGHTGYLSCC
RFLDDNQIVTSSGDTTCALWDIETGQQTTTFTGHTGDVMSLSLAPDTRLFVSGACDASAKLWDVREGMCRQTFTGHESDI
NAICFFPNGNAFATGSDDATCRLFDLRADQELMTYSHDNIICGITSVSFSKSGRLLLAGYDDFNCNVWDALKADRAGVLA
GHDNRVSCLGVTDDGMAVATGSWDSFLKIWNGSSGGGGSGGGGSSGVSGWRLFKKIS
;
B
3 'polypeptide(L)' MASNNTASIAQARKLVEQLKMEANIDRIKVSKAAADLMAYCEAHAKEDPLLTPVPASENPFREKKFFCAIL G
4 'polypeptide(L)'
;MLLVNQSHQGFNKEHTSKMVSAIVLYVLLAAAAHSAFAVQLVESGGGLVQPGGSRKLSCSASGFAFSSFGMHWVRQAPEK
GLEWVAYISSGSGTIYYADTVKGRFTISRDDPKNTLFLQMTSLRSEDTAMYYCVRSIYYYGSSPFDFWGQGTTLTVSAGG
GGSGGGGSGGGGSADIVMTQATSSVPVTPGESVSISCRSSKSLLHSNGNTYLYWFLQRPGQSPQLLIYRMSNLASGVPDR
FSGSGSGTAFTLTISRLEAEDVGVYYCMQHLEYPLTFGAGTKLEL
;
H
5 'polypeptide(L)' DDEEAVYFAHLDIIW L
6 'polypeptide(L)'
;MDSKGSSQKGSRLLLLLVVSNLLLCQGVVSDYKDDDDVDHHHHHHHHEERGFPPDRATPLLQTAEIMTPPTKTLWPKGSN
ASLARSLAPAEVPKGDRTAGSPPRTISPPPCQGPIEIKETFKYINTVVSCLVFVLGIIGNSTLLRIIYKNKCMRNGPNIL
IASLALGDLLHIVIDIPINVYKLLAEDWPFGAEMCKLVPFIQKASVGITVLSLCALSIDRYRAVASWSRIKGIGVPKWTA
VEIVLIWVVSVVLAVPEAIGFDIITMDYKGSYLRICLLHPVQKTAFMQFYKTAKDWWLFSFYFCLPLAITAFFYTLMTCE
MLRKKSGMQIALNDHLKQRREVAKTVFCLVLVFALCWLPLHLSRILKLTLYNQNDPNRCELLSFLLVLDYIGINMASLNS
CINPIALYLVSKRFKNCFKSCLCCWCQSFEEKQSLEEKQSCLKFKVFTLEDFVGDWEQTAAYNLDQVLEQGGVSSLLQNL
AVSVTPIQRIVRSGENALKIDIHVIIPYEGLSADQMAQIEEVFKVVYPVDDHHFKVILPYGTLVIDGVTPNMLNYFGRPY
EGIAVFDGKKITVTGTLWNGNKIIDERLITPDGSMLFRVTINS
;
R
#
# COMPACT_ATOMS: atom_id res chain seq x y z
N LEU A 5 -7.90 -23.29 -14.87
CA LEU A 5 -6.83 -23.92 -15.65
C LEU A 5 -5.81 -22.87 -16.10
N SER A 6 -4.56 -23.30 -16.23
CA SER A 6 -3.49 -22.42 -16.66
C SER A 6 -2.39 -23.24 -17.31
N ALA A 7 -1.69 -22.63 -18.26
CA ALA A 7 -0.57 -23.26 -18.95
C ALA A 7 0.75 -22.60 -18.62
N GLU A 8 0.87 -21.30 -18.87
CA GLU A 8 2.03 -20.53 -18.45
C GLU A 8 1.70 -19.51 -17.36
N ASP A 9 0.41 -19.31 -17.06
CA ASP A 9 0.05 -18.40 -15.98
C ASP A 9 0.49 -18.94 -14.62
N LYS A 10 0.64 -20.25 -14.49
CA LYS A 10 1.14 -20.83 -13.24
C LYS A 10 2.53 -20.30 -12.92
N ALA A 11 3.40 -20.23 -13.92
CA ALA A 11 4.70 -19.60 -13.73
C ALA A 11 4.58 -18.09 -13.57
N ALA A 12 3.55 -17.49 -14.17
CA ALA A 12 3.35 -16.05 -14.03
C ALA A 12 2.99 -15.68 -12.59
N VAL A 13 2.05 -16.40 -11.99
CA VAL A 13 1.71 -16.13 -10.60
C VAL A 13 2.84 -16.53 -9.67
N GLU A 14 3.63 -17.54 -10.05
CA GLU A 14 4.79 -17.91 -9.25
C GLU A 14 5.81 -16.78 -9.21
N ARG A 15 5.98 -16.09 -10.34
CA ARG A 15 6.83 -14.90 -10.36
C ARG A 15 6.25 -13.81 -9.47
N SER A 16 4.93 -13.67 -9.46
CA SER A 16 4.29 -12.65 -8.62
C SER A 16 4.56 -12.90 -7.14
N LYS A 17 4.45 -14.16 -6.70
CA LYS A 17 4.75 -14.47 -5.30
C LYS A 17 6.22 -14.20 -5.00
N MET A 18 7.12 -14.54 -5.93
CA MET A 18 8.52 -14.20 -5.74
C MET A 18 8.74 -12.70 -5.72
N ILE A 19 8.04 -11.98 -6.61
CA ILE A 19 8.11 -10.52 -6.59
C ILE A 19 7.49 -9.96 -5.31
N ASP A 20 6.30 -10.46 -4.93
CA ASP A 20 5.63 -9.95 -3.75
C ASP A 20 6.45 -10.20 -2.49
N ARG A 21 7.13 -11.35 -2.42
CA ARG A 21 7.98 -11.65 -1.28
C ARG A 21 9.12 -10.65 -1.17
N ASN A 22 9.67 -10.21 -2.31
CA ASN A 22 10.78 -9.27 -2.29
C ASN A 22 10.37 -7.91 -1.74
N LEU A 23 9.23 -7.38 -2.18
CA LEU A 23 8.73 -6.12 -1.61
C LEU A 23 8.40 -6.27 -0.13
N ARG A 24 7.83 -7.40 0.27
CA ARG A 24 7.53 -7.62 1.68
C ARG A 24 8.81 -7.60 2.51
N GLU A 25 9.87 -8.25 2.02
CA GLU A 25 11.16 -8.16 2.69
C GLU A 25 11.73 -6.74 2.61
N ASP A 26 11.62 -6.11 1.44
CA ASP A 26 12.08 -4.73 1.31
C ASP A 26 11.24 -3.78 2.14
N GLY A 27 9.92 -3.98 2.15
CA GLY A 27 9.06 -3.13 2.96
C GLY A 27 9.33 -3.28 4.44
N GLU A 28 9.54 -4.51 4.90
CA GLU A 28 9.89 -4.73 6.30
C GLU A 28 11.23 -4.10 6.64
N LYS A 29 12.20 -4.21 5.74
CA LYS A 29 13.49 -3.57 5.97
C LYS A 29 13.35 -2.06 6.03
N ALA A 30 12.56 -1.48 5.13
CA ALA A 30 12.33 -0.04 5.16
C ALA A 30 11.63 0.39 6.45
N ALA A 31 10.71 -0.44 6.94
CA ALA A 31 10.03 -0.12 8.19
C ALA A 31 11.00 -0.11 9.36
N ARG A 32 11.98 -1.01 9.36
CA ARG A 32 12.97 -1.04 10.43
C ARG A 32 13.77 0.25 10.47
N GLU A 33 14.18 0.76 9.32
CA GLU A 33 14.87 2.05 9.25
C GLU A 33 13.88 3.18 9.54
N VAL A 34 14.40 4.26 10.11
CA VAL A 34 13.59 5.42 10.45
C VAL A 34 13.97 6.56 9.53
N LYS A 35 13.00 7.44 9.27
CA LYS A 35 13.16 8.53 8.31
C LYS A 35 13.06 9.87 9.04
N LEU A 36 13.94 10.80 8.68
CA LEU A 36 13.95 12.14 9.24
C LEU A 36 14.09 13.16 8.12
N LEU A 37 13.49 14.33 8.32
CA LEU A 37 13.48 15.39 7.33
C LEU A 37 14.21 16.61 7.87
N LEU A 38 15.03 17.24 7.03
CA LEU A 38 15.82 18.41 7.40
C LEU A 38 15.19 19.65 6.81
N LEU A 39 14.91 20.63 7.66
CA LEU A 39 14.39 21.92 7.25
C LEU A 39 15.24 23.04 7.84
N GLY A 40 15.47 24.07 7.04
CA GLY A 40 16.27 25.19 7.49
C GLY A 40 16.36 26.25 6.42
N ALA A 41 17.04 27.34 6.77
CA ALA A 41 17.25 28.47 5.87
C ALA A 41 18.74 28.72 5.71
N GLY A 42 19.19 28.88 4.47
CA GLY A 42 20.59 29.12 4.19
C GLY A 42 21.43 27.86 4.16
N GLY A 45 24.14 26.81 7.07
CA GLY A 45 23.53 26.60 8.36
C GLY A 45 23.22 25.14 8.66
N LYS A 46 23.00 24.36 7.60
CA LYS A 46 22.71 22.95 7.72
C LYS A 46 23.84 22.05 7.26
N SER A 47 24.83 22.58 6.55
CA SER A 47 25.94 21.75 6.07
C SER A 47 26.73 21.17 7.23
N THR A 48 26.97 21.97 8.28
CA THR A 48 27.69 21.47 9.44
C THR A 48 26.90 20.41 10.19
N ILE A 49 25.57 20.52 10.19
CA ILE A 49 24.73 19.55 10.90
C ILE A 49 24.87 18.17 10.27
N VAL A 50 24.83 18.09 8.94
CA VAL A 50 24.91 16.80 8.27
C VAL A 50 26.32 16.22 8.30
N LYS A 51 27.33 17.04 8.60
CA LYS A 51 28.70 16.57 8.68
C LYS A 51 29.11 16.17 10.10
N GLN A 52 28.19 16.45 11.03
CA GLN A 52 28.40 16.02 12.42
C GLN A 52 27.75 14.65 12.43
N MET A 53 26.51 14.58 11.93
CA MET A 53 25.89 13.25 11.80
C MET A 53 26.61 12.57 10.65
N LYS A 54 27.79 12.03 10.91
CA LYS A 54 28.61 11.42 9.84
C LYS A 54 27.71 10.63 8.90
N ILE A 55 27.99 10.69 7.59
CA ILE A 55 27.20 9.89 6.61
C ILE A 55 28.01 8.65 6.24
N THR A 182 20.50 19.38 -9.08
CA THR A 182 20.90 18.28 -8.22
C THR A 182 19.69 17.67 -7.52
N GLY A 183 18.90 18.52 -6.88
CA GLY A 183 17.71 18.06 -6.18
C GLY A 183 17.93 17.86 -4.69
N ILE A 184 17.24 16.88 -4.11
CA ILE A 184 17.38 16.62 -2.69
C ILE A 184 18.58 15.70 -2.44
N VAL A 185 19.01 15.65 -1.19
CA VAL A 185 20.15 14.84 -0.76
C VAL A 185 19.67 13.87 0.30
N GLU A 186 19.97 12.58 0.09
CA GLU A 186 19.59 11.53 1.03
C GLU A 186 20.84 10.90 1.61
N THR A 187 20.90 10.86 2.95
CA THR A 187 22.05 10.32 3.67
C THR A 187 21.61 9.12 4.50
N HIS A 188 22.44 8.07 4.50
CA HIS A 188 22.16 6.85 5.23
C HIS A 188 23.31 6.56 6.18
N PHE A 189 22.98 6.26 7.43
CA PHE A 189 23.98 5.88 8.41
C PHE A 189 23.30 5.10 9.53
N THR A 190 24.12 4.34 10.27
CA THR A 190 23.64 3.51 11.36
C THR A 190 24.28 3.97 12.66
N PHE A 191 23.46 4.05 13.71
CA PHE A 191 23.94 4.45 15.03
C PHE A 191 23.25 3.61 16.09
N LYS A 192 24.04 2.93 16.91
CA LYS A 192 23.53 2.08 18.00
C LYS A 192 22.55 1.05 17.47
N ASP A 193 22.95 0.38 16.38
CA ASP A 193 22.16 -0.67 15.74
C ASP A 193 20.80 -0.16 15.28
N LEU A 194 20.70 1.12 14.95
CA LEU A 194 19.49 1.71 14.41
C LEU A 194 19.80 2.40 13.10
N HIS A 195 19.05 2.07 12.06
CA HIS A 195 19.27 2.64 10.73
C HIS A 195 18.63 4.01 10.66
N PHE A 196 19.45 5.05 10.54
CA PHE A 196 18.99 6.42 10.45
C PHE A 196 19.02 6.85 8.99
N LYS A 197 17.86 7.29 8.48
CA LYS A 197 17.74 7.78 7.11
C LYS A 197 17.29 9.23 7.16
N MET A 198 18.07 10.11 6.54
CA MET A 198 17.84 11.54 6.61
C MET A 198 17.58 12.11 5.22
N PHE A 199 16.78 13.17 5.17
CA PHE A 199 16.37 13.79 3.92
C PHE A 199 16.72 15.27 3.96
N ASP A 200 17.48 15.73 2.98
CA ASP A 200 17.84 17.14 2.84
C ASP A 200 17.06 17.71 1.67
N VAL A 201 16.07 18.55 1.97
CA VAL A 201 15.17 19.09 0.96
C VAL A 201 15.28 20.61 0.82
N GLY A 202 16.14 21.26 1.62
CA GLY A 202 16.26 22.70 1.59
C GLY A 202 16.80 23.27 0.28
N ALA A 203 17.35 22.41 -0.59
CA ALA A 203 17.89 22.85 -1.87
C ALA A 203 16.87 22.79 -2.99
N GLN A 204 15.61 22.45 -2.69
CA GLN A 204 14.59 22.36 -3.74
C GLN A 204 14.34 23.73 -4.37
N ARG A 205 14.23 24.77 -3.56
CA ARG A 205 14.00 26.14 -4.04
C ARG A 205 12.77 26.22 -4.94
N SER A 206 11.70 25.54 -4.53
CA SER A 206 10.46 25.52 -5.29
C SER A 206 9.30 25.69 -4.31
N GLU A 207 8.08 25.47 -4.80
CA GLU A 207 6.90 25.62 -3.96
C GLU A 207 6.81 24.45 -2.98
N ARG A 208 6.81 24.77 -1.69
CA ARG A 208 6.84 23.74 -0.67
C ARG A 208 5.50 23.03 -0.53
N LYS A 209 4.40 23.72 -0.87
CA LYS A 209 3.07 23.16 -0.63
C LYS A 209 2.82 21.90 -1.44
N LYS A 210 3.29 21.88 -2.70
CA LYS A 210 2.91 20.82 -3.62
C LYS A 210 3.69 19.52 -3.42
N TRP A 211 4.71 19.49 -2.55
CA TRP A 211 5.42 18.26 -2.29
C TRP A 211 5.65 17.98 -0.80
N ILE A 212 5.10 18.79 0.10
CA ILE A 212 5.28 18.53 1.53
C ILE A 212 4.46 17.33 1.99
N HIS A 213 3.47 16.91 1.20
CA HIS A 213 2.67 15.75 1.58
C HIS A 213 3.44 14.44 1.41
N CYS A 214 4.55 14.45 0.66
CA CYS A 214 5.34 13.24 0.50
C CYS A 214 6.00 12.82 1.80
N PHE A 215 6.32 13.78 2.67
CA PHE A 215 6.95 13.50 3.96
C PHE A 215 5.92 13.38 5.09
N GLU A 216 4.69 12.97 4.77
CA GLU A 216 3.66 12.87 5.80
C GLU A 216 4.01 11.80 6.83
N GLY A 217 4.57 10.68 6.39
CA GLY A 217 4.85 9.58 7.29
C GLY A 217 6.23 9.64 7.93
N VAL A 218 6.86 10.80 7.88
CA VAL A 218 8.18 10.96 8.50
C VAL A 218 8.03 10.89 10.02
N THR A 219 9.04 10.30 10.67
CA THR A 219 8.98 10.16 12.13
C THR A 219 9.21 11.51 12.81
N ALA A 220 10.22 12.26 12.36
CA ALA A 220 10.56 13.52 12.98
C ALA A 220 11.14 14.46 11.93
N ILE A 221 11.10 15.75 12.23
CA ILE A 221 11.61 16.80 11.37
C ILE A 221 12.74 17.50 12.11
N ILE A 222 13.93 17.53 11.49
CA ILE A 222 15.08 18.20 12.08
C ILE A 222 15.10 19.63 11.53
N PHE A 223 14.63 20.57 12.34
CA PHE A 223 14.62 21.98 11.99
C PHE A 223 15.89 22.62 12.55
N CYS A 224 16.77 23.07 11.66
CA CYS A 224 18.02 23.69 12.03
C CYS A 224 17.97 25.17 11.68
N VAL A 225 18.18 26.03 12.67
CA VAL A 225 18.22 27.47 12.48
C VAL A 225 19.55 27.99 13.02
N ALA A 226 19.95 29.15 12.51
CA ALA A 226 21.18 29.80 12.93
C ALA A 226 20.85 30.94 13.88
N LEU A 227 21.37 30.86 15.10
CA LEU A 227 21.12 31.91 16.08
C LEU A 227 21.75 33.23 15.66
N SER A 228 22.88 33.19 14.96
CA SER A 228 23.56 34.40 14.51
C SER A 228 22.77 35.15 13.44
N ASP A 229 21.72 34.56 12.87
CA ASP A 229 20.93 35.21 11.84
C ASP A 229 20.17 36.41 12.35
N TYR A 230 20.06 36.59 13.68
CA TYR A 230 19.36 37.76 14.22
C TYR A 230 20.09 39.05 13.88
N ASP A 231 21.41 38.99 13.69
CA ASP A 231 22.20 40.17 13.32
C ASP A 231 22.36 40.33 11.83
N LEU A 232 21.77 39.46 11.02
CA LEU A 232 21.85 39.52 9.57
C LEU A 232 20.47 39.75 8.97
N VAL A 233 20.45 40.44 7.85
CA VAL A 233 19.20 40.74 7.16
C VAL A 233 19.19 40.08 5.79
N ASN A 241 15.98 39.94 10.59
CA ASN A 241 14.97 39.62 9.59
C ASN A 241 15.06 38.16 9.17
N ARG A 242 16.28 37.61 9.22
CA ARG A 242 16.47 36.22 8.83
C ARG A 242 15.74 35.27 9.78
N MET A 243 15.82 35.54 11.09
CA MET A 243 15.13 34.69 12.05
C MET A 243 13.62 34.79 11.93
N HIS A 244 13.12 35.96 11.49
CA HIS A 244 11.68 36.09 11.26
C HIS A 244 11.20 35.15 10.15
N GLU A 245 12.02 34.97 9.11
CA GLU A 245 11.70 34.00 8.08
C GLU A 245 11.71 32.58 8.65
N SER A 246 12.65 32.29 9.54
CA SER A 246 12.70 30.96 10.16
C SER A 246 11.45 30.68 10.96
N MET A 247 10.96 31.67 11.71
CA MET A 247 9.70 31.50 12.44
C MET A 247 8.54 31.27 11.49
N LYS A 248 8.51 32.00 10.36
CA LYS A 248 7.49 31.77 9.36
C LYS A 248 7.59 30.36 8.79
N LEU A 249 8.82 29.91 8.52
CA LEU A 249 9.03 28.53 8.09
C LEU A 249 8.62 27.55 9.18
N PHE A 250 8.99 27.85 10.44
CA PHE A 250 8.62 26.97 11.54
C PHE A 250 7.11 26.93 11.74
N ASP A 251 6.45 28.08 11.63
CA ASP A 251 4.99 28.10 11.73
C ASP A 251 4.35 27.41 10.54
N SER A 252 5.02 27.40 9.39
CA SER A 252 4.44 26.79 8.20
C SER A 252 4.26 25.29 8.37
N ILE A 253 5.27 24.61 8.92
CA ILE A 253 5.23 23.15 9.04
C ILE A 253 4.77 22.66 10.41
N CYS A 254 4.76 23.52 11.43
CA CYS A 254 4.20 23.13 12.72
C CYS A 254 2.68 22.99 12.62
N ASN A 255 2.03 23.89 11.89
CA ASN A 255 0.58 23.86 11.72
C ASN A 255 0.15 23.11 10.47
N ASN A 256 1.08 22.52 9.73
CA ASN A 256 0.73 21.80 8.52
C ASN A 256 -0.12 20.58 8.85
N LYS A 257 -1.12 20.31 7.99
CA LYS A 257 -2.01 19.18 8.23
C LYS A 257 -1.26 17.86 8.14
N TRP A 258 -0.36 17.73 7.18
CA TRP A 258 0.38 16.49 7.00
C TRP A 258 1.39 16.24 8.12
N PHE A 259 1.80 17.29 8.83
CA PHE A 259 2.78 17.19 9.90
C PHE A 259 2.14 17.24 11.28
N THR A 260 0.81 17.10 11.37
CA THR A 260 0.12 17.25 12.64
C THR A 260 0.45 16.16 13.65
N ASP A 261 1.06 15.05 13.22
CA ASP A 261 1.42 13.95 14.11
C ASP A 261 2.91 13.65 14.08
N THR A 262 3.73 14.60 13.63
CA THR A 262 5.16 14.41 13.50
C THR A 262 5.88 15.38 14.43
N SER A 263 6.78 14.84 15.26
CA SER A 263 7.55 15.67 16.17
C SER A 263 8.59 16.48 15.41
N ILE A 264 8.98 17.61 15.98
CA ILE A 264 9.94 18.52 15.38
C ILE A 264 11.15 18.63 16.30
N ILE A 265 12.34 18.43 15.74
CA ILE A 265 13.60 18.56 16.47
C ILE A 265 14.22 19.89 16.08
N LEU A 266 14.41 20.76 17.06
CA LEU A 266 14.95 22.10 16.83
C LEU A 266 16.43 22.13 17.17
N PHE A 267 17.24 22.63 16.24
CA PHE A 267 18.67 22.74 16.41
C PHE A 267 19.07 24.21 16.30
N LEU A 268 19.88 24.67 17.25
CA LEU A 268 20.37 26.05 17.26
C LEU A 268 21.86 26.03 16.95
N ASN A 269 22.22 26.41 15.74
CA ASN A 269 23.62 26.39 15.31
C ASN A 269 24.32 27.67 15.73
N LYS A 270 25.59 27.79 15.34
CA LYS A 270 26.42 28.96 15.63
C LYS A 270 26.47 29.25 17.14
N LYS A 271 26.68 28.19 17.91
CA LYS A 271 26.79 28.35 19.37
C LYS A 271 28.00 29.21 19.71
N ASP A 272 29.15 28.94 19.08
CA ASP A 272 30.33 29.74 19.34
C ASP A 272 30.16 31.17 18.83
N LEU A 273 29.54 31.34 17.65
CA LEU A 273 29.33 32.67 17.10
C LEU A 273 28.38 33.48 17.98
N PHE A 274 27.33 32.84 18.50
CA PHE A 274 26.41 33.55 19.39
C PHE A 274 27.09 34.00 20.68
N GLU A 275 27.96 33.16 21.23
CA GLU A 275 28.61 33.50 22.49
C GLU A 275 29.43 34.77 22.37
N GLU A 276 30.15 34.93 21.26
CA GLU A 276 31.00 36.10 21.10
C GLU A 276 30.20 37.36 20.78
N LYS A 277 29.20 37.26 19.90
CA LYS A 277 28.52 38.43 19.37
C LYS A 277 27.28 38.82 20.15
N ILE A 278 26.85 38.04 21.14
CA ILE A 278 25.65 38.40 21.88
C ILE A 278 25.91 39.53 22.87
N LYS A 279 27.15 39.73 23.32
CA LYS A 279 27.42 40.78 24.29
C LYS A 279 27.46 42.16 23.62
N LYS A 280 27.93 42.20 22.38
CA LYS A 280 28.05 43.48 21.63
C LYS A 280 26.70 43.96 21.09
N SER A 281 25.95 43.15 20.35
CA SER A 281 24.68 43.51 19.75
C SER A 281 23.53 43.17 20.70
N PRO A 282 22.42 43.90 20.64
CA PRO A 282 21.28 43.57 21.51
C PRO A 282 20.29 42.63 20.84
N LEU A 283 19.74 41.69 21.60
CA LEU A 283 18.75 40.76 21.07
C LEU A 283 17.44 41.47 20.79
N THR A 284 17.29 42.68 21.34
CA THR A 284 16.04 43.44 21.19
C THR A 284 15.88 43.97 19.76
N ILE A 285 16.91 43.81 18.94
CA ILE A 285 16.84 44.28 17.55
C ILE A 285 15.71 43.56 16.81
N CYS A 286 15.65 42.24 16.95
CA CYS A 286 14.58 41.45 16.36
C CYS A 286 13.49 41.09 17.37
N TYR A 287 13.63 41.51 18.63
CA TYR A 287 12.67 41.21 19.68
C TYR A 287 12.33 42.51 20.42
N PRO A 288 11.44 43.33 19.84
CA PRO A 288 11.10 44.60 20.51
C PRO A 288 10.50 44.42 21.89
N GLU A 289 9.71 43.36 22.11
CA GLU A 289 9.07 43.16 23.40
C GLU A 289 10.04 42.64 24.45
N TYR A 290 11.07 41.89 24.02
CA TYR A 290 12.00 41.29 24.96
C TYR A 290 12.73 42.36 25.77
N ALA A 291 12.85 42.13 27.08
CA ALA A 291 13.56 43.03 27.96
C ALA A 291 14.17 42.19 29.09
N GLY A 292 15.47 41.95 29.00
CA GLY A 292 16.15 41.13 29.98
C GLY A 292 17.65 41.34 29.93
N SER A 293 18.35 40.55 30.74
CA SER A 293 19.80 40.67 30.83
C SER A 293 20.45 40.23 29.53
N ASN A 294 21.54 40.91 29.18
CA ASN A 294 22.32 40.57 27.99
C ASN A 294 23.24 39.42 28.37
N THR A 295 22.70 38.20 28.29
CA THR A 295 23.41 37.01 28.70
C THR A 295 22.88 35.82 27.90
N TYR A 296 23.78 34.90 27.55
CA TYR A 296 23.40 33.74 26.75
C TYR A 296 22.28 32.96 27.42
N GLU A 297 22.35 32.82 28.75
CA GLU A 297 21.31 32.07 29.46
C GLU A 297 19.94 32.70 29.27
N GLU A 298 19.86 34.03 29.36
CA GLU A 298 18.60 34.71 29.09
C GLU A 298 18.29 34.75 27.60
N ALA A 299 19.33 34.91 26.78
CA ALA A 299 19.12 34.98 25.33
C ALA A 299 18.61 33.66 24.78
N ALA A 300 19.20 32.54 25.21
CA ALA A 300 18.75 31.24 24.73
C ALA A 300 17.34 30.92 25.21
N ALA A 301 17.02 31.29 26.44
CA ALA A 301 15.70 30.99 26.98
C ALA A 301 14.60 31.71 26.21
N TYR A 302 14.82 32.99 25.87
CA TYR A 302 13.82 33.74 25.13
C TYR A 302 13.64 33.15 23.73
N ILE A 303 14.73 32.73 23.09
CA ILE A 303 14.62 32.06 21.81
C ILE A 303 13.83 30.76 21.97
N GLN A 304 14.10 30.01 23.03
CA GLN A 304 13.31 28.81 23.33
C GLN A 304 11.86 29.17 23.61
N CYS A 305 11.62 30.28 24.31
CA CYS A 305 10.25 30.70 24.58
C CYS A 305 9.52 31.05 23.29
N GLN A 306 10.21 31.73 22.37
CA GLN A 306 9.55 32.21 21.17
C GLN A 306 9.28 31.09 20.17
N PHE A 307 10.24 30.16 20.01
CA PHE A 307 10.11 29.16 18.95
C PHE A 307 8.94 28.23 19.17
N GLU A 308 8.94 27.61 20.35
CA GLU A 308 7.93 26.59 20.65
C GLU A 308 6.58 27.25 20.84
N ASP A 309 6.58 28.49 21.29
CA ASP A 309 5.29 29.20 21.39
C ASP A 309 4.59 29.08 20.05
N LEU A 310 5.34 28.90 18.97
CA LEU A 310 4.75 28.87 17.62
C LEU A 310 4.13 27.51 17.34
N ASN A 311 3.98 26.68 18.37
CA ASN A 311 3.47 25.30 18.18
C ASN A 311 2.01 25.24 18.59
N LYS A 312 1.11 25.61 17.69
CA LYS A 312 -0.33 25.62 18.02
C LYS A 312 -0.82 24.18 18.12
N ARG A 313 -0.09 23.31 18.82
CA ARG A 313 -0.56 21.92 19.08
C ARG A 313 0.34 21.34 20.16
N LYS A 314 0.38 21.93 21.36
CA LYS A 314 1.34 21.54 22.38
C LYS A 314 1.18 20.07 22.80
N ASP A 315 0.03 19.46 22.50
CA ASP A 315 -0.21 18.09 22.94
C ASP A 315 0.41 17.07 22.00
N THR A 316 0.03 17.12 20.72
CA THR A 316 0.52 16.13 19.76
C THR A 316 2.00 16.33 19.46
N LYS A 317 2.42 17.54 19.18
CA LYS A 317 3.83 17.66 18.81
C LYS A 317 4.69 17.66 20.06
N GLU A 318 5.97 17.52 19.87
CA GLU A 318 6.98 17.48 20.92
C GLU A 318 8.25 18.10 20.36
N ILE A 319 8.58 19.31 20.82
CA ILE A 319 9.75 20.02 20.33
C ILE A 319 10.95 19.62 21.19
N TYR A 320 12.00 19.12 20.55
CA TYR A 320 13.22 18.70 21.23
C TYR A 320 14.33 19.68 20.84
N THR A 321 14.44 20.75 21.62
CA THR A 321 15.45 21.76 21.36
C THR A 321 16.83 21.28 21.80
N HIS A 322 17.86 21.77 21.11
CA HIS A 322 19.23 21.43 21.43
C HIS A 322 20.15 22.53 20.92
N PHE A 323 21.36 22.56 21.48
CA PHE A 323 22.39 23.51 21.08
C PHE A 323 23.46 22.76 20.30
N THR A 324 23.78 23.25 19.11
CA THR A 324 24.76 22.61 18.26
C THR A 324 26.17 22.77 18.85
N CYS A 325 26.90 21.67 18.96
CA CYS A 325 28.25 21.66 19.49
C CYS A 325 29.22 21.21 18.42
N SER A 326 30.39 21.87 18.36
CA SER A 326 31.40 21.49 17.37
C SER A 326 31.89 20.07 17.60
N THR A 327 32.12 19.70 18.86
CA THR A 327 32.56 18.34 19.18
C THR A 327 31.46 17.35 18.89
N ASP A 328 31.84 16.17 18.40
CA ASP A 328 30.88 15.12 18.09
C ASP A 328 30.52 14.28 19.29
N THR A 329 29.93 13.13 19.01
CA THR A 329 29.49 12.13 19.98
C THR A 329 28.40 12.65 20.92
N LYS A 330 27.93 13.88 20.73
CA LYS A 330 26.87 14.44 21.56
C LYS A 330 25.66 14.88 20.74
N ASN A 331 25.87 15.49 19.58
CA ASN A 331 24.75 15.87 18.72
C ASN A 331 24.02 14.64 18.21
N VAL A 332 24.76 13.62 17.76
CA VAL A 332 24.13 12.39 17.30
C VAL A 332 23.43 11.68 18.45
N GLN A 333 23.99 11.77 19.66
CA GLN A 333 23.34 11.20 20.82
C GLN A 333 21.98 11.83 21.06
N PHE A 334 21.87 13.15 20.90
CA PHE A 334 20.58 13.82 21.08
C PHE A 334 19.59 13.38 20.02
N VAL A 335 20.04 13.26 18.77
CA VAL A 335 19.15 12.80 17.69
C VAL A 335 18.68 11.38 17.96
N PHE A 336 19.61 10.51 18.37
CA PHE A 336 19.25 9.12 18.68
C PHE A 336 18.21 9.09 19.79
N ASP A 337 18.44 9.83 20.88
CA ASP A 337 17.50 9.83 21.99
C ASP A 337 16.18 10.47 21.58
N ALA A 338 16.20 11.38 20.60
CA ALA A 338 14.98 12.04 20.17
C ALA A 338 14.04 11.08 19.47
N VAL A 339 14.55 10.30 18.51
CA VAL A 339 13.69 9.43 17.70
C VAL A 339 13.03 8.38 18.58
N THR A 340 13.82 7.73 19.45
CA THR A 340 13.27 6.67 20.30
C THR A 340 12.15 7.18 21.19
N ASP A 341 12.20 8.46 21.57
CA ASP A 341 11.08 9.04 22.30
C ASP A 341 9.83 9.08 21.43
N VAL A 342 9.97 9.46 20.16
CA VAL A 342 8.82 9.51 19.27
C VAL A 342 8.24 8.12 19.04
N ILE A 343 9.11 7.13 18.78
CA ILE A 343 8.62 5.78 18.54
C ILE A 343 7.95 5.22 19.79
N ILE A 344 8.53 5.47 20.97
CA ILE A 344 7.92 4.99 22.21
C ILE A 344 6.56 5.63 22.40
N LYS A 345 6.45 6.94 22.18
CA LYS A 345 5.15 7.60 22.23
C LYS A 345 4.23 7.08 21.14
N ASN A 346 4.76 6.87 19.94
CA ASN A 346 3.95 6.30 18.86
C ASN A 346 3.48 4.89 19.20
N ASN A 347 4.37 4.07 19.79
CA ASN A 347 4.00 2.73 20.19
C ASN A 347 2.93 2.76 21.28
N LEU A 348 3.08 3.66 22.26
CA LEU A 348 2.07 3.79 23.30
C LEU A 348 0.75 4.33 22.74
N LYS A 349 0.82 5.22 21.74
CA LYS A 349 -0.40 5.68 21.10
C LYS A 349 -1.15 4.55 20.42
N ASP A 350 -0.43 3.66 19.73
CA ASP A 350 -1.07 2.51 19.13
C ASP A 350 -1.63 1.56 20.17
N CYS A 351 -0.90 1.36 21.27
CA CYS A 351 -1.35 0.48 22.34
C CYS A 351 -2.50 1.06 23.15
N GLY A 352 -2.81 2.34 22.98
CA GLY A 352 -3.88 2.98 23.71
C GLY A 352 -3.46 3.71 24.97
N LEU A 353 -2.17 3.72 25.30
CA LEU A 353 -1.72 4.47 26.47
C LEU A 353 -1.72 5.97 26.19
N PHE A 354 -1.29 6.37 25.01
CA PHE A 354 -1.24 7.78 24.64
C PHE A 354 -2.10 8.06 23.42
N SER B 13 8.91 54.06 -23.61
CA SER B 13 8.46 54.72 -22.39
C SER B 13 8.74 53.85 -21.18
N GLU B 14 10.00 53.43 -21.03
CA GLU B 14 10.51 52.63 -19.92
C GLU B 14 9.61 51.45 -19.58
N LEU B 15 9.68 50.98 -18.32
CA LEU B 15 8.87 49.84 -17.90
C LEU B 15 7.38 50.13 -17.92
N ASP B 16 7.00 51.41 -17.86
CA ASP B 16 5.57 51.75 -17.83
C ASP B 16 4.88 51.34 -19.12
N GLN B 17 5.57 51.46 -20.26
CA GLN B 17 4.97 51.12 -21.54
C GLN B 17 4.64 49.64 -21.66
N LEU B 18 5.46 48.76 -21.08
CA LEU B 18 5.19 47.32 -21.16
C LEU B 18 3.89 46.97 -20.45
N ARG B 19 3.66 47.55 -19.27
CA ARG B 19 2.41 47.30 -18.57
C ARG B 19 1.21 47.83 -19.35
N GLN B 20 1.36 49.01 -19.98
CA GLN B 20 0.31 49.50 -20.87
C GLN B 20 0.12 48.57 -22.05
N GLU B 21 1.21 48.06 -22.61
CA GLU B 21 1.12 47.05 -23.66
C GLU B 21 0.64 45.70 -23.13
N ALA B 22 0.66 45.49 -21.81
CA ALA B 22 0.16 44.27 -21.20
C ALA B 22 -1.29 44.41 -20.74
N GLU B 23 -1.62 45.52 -20.08
CA GLU B 23 -3.01 45.78 -19.73
C GLU B 23 -3.87 45.87 -20.98
N GLN B 24 -3.46 46.67 -21.95
CA GLN B 24 -4.07 46.63 -23.27
C GLN B 24 -3.60 45.39 -24.00
N LEU B 25 -4.39 44.97 -24.99
CA LEU B 25 -4.13 43.77 -25.79
C LEU B 25 -4.39 42.52 -24.95
N LYS B 26 -4.64 42.71 -23.66
CA LYS B 26 -5.28 41.71 -22.80
C LYS B 26 -6.80 41.87 -22.79
N ASN B 27 -7.27 43.12 -22.78
CA ASN B 27 -8.69 43.37 -22.97
C ASN B 27 -9.16 42.92 -24.34
N GLN B 28 -8.26 42.95 -25.33
CA GLN B 28 -8.61 42.48 -26.66
C GLN B 28 -8.96 41.00 -26.66
N ILE B 29 -8.19 40.20 -25.91
CA ILE B 29 -8.45 38.77 -25.84
C ILE B 29 -9.78 38.50 -25.14
N ARG B 30 -10.01 39.14 -23.99
CA ARG B 30 -11.27 38.93 -23.28
C ARG B 30 -12.45 39.52 -24.05
N ASP B 31 -12.24 40.65 -24.72
CA ASP B 31 -13.30 41.18 -25.58
C ASP B 31 -13.58 40.24 -26.74
N ALA B 32 -12.54 39.68 -27.34
CA ALA B 32 -12.74 38.70 -28.42
C ALA B 32 -13.43 37.45 -27.89
N ARG B 33 -13.00 36.95 -26.73
CA ARG B 33 -13.64 35.78 -26.14
C ARG B 33 -15.09 36.07 -25.77
N LYS B 34 -15.35 37.24 -25.20
CA LYS B 34 -16.72 37.60 -24.84
C LYS B 34 -17.60 37.73 -26.07
N ALA B 35 -17.08 38.37 -27.13
CA ALA B 35 -17.84 38.48 -28.37
C ALA B 35 -18.02 37.13 -29.06
N CYS B 36 -17.05 36.23 -28.91
CA CYS B 36 -17.13 34.92 -29.53
C CYS B 36 -18.09 33.99 -28.79
N ALA B 37 -18.39 34.27 -27.52
CA ALA B 37 -19.24 33.41 -26.71
C ALA B 37 -20.71 33.66 -27.07
N ASP B 38 -21.08 33.16 -28.26
CA ASP B 38 -22.46 33.29 -28.72
C ASP B 38 -23.40 32.49 -27.84
N ALA B 39 -23.02 31.27 -27.46
CA ALA B 39 -23.85 30.42 -26.63
C ALA B 39 -22.96 29.52 -25.78
N THR B 40 -23.39 29.25 -24.55
CA THR B 40 -22.65 28.39 -23.66
C THR B 40 -22.89 26.92 -24.01
N LEU B 41 -21.99 26.06 -23.50
CA LEU B 41 -22.12 24.63 -23.75
C LEU B 41 -23.39 24.07 -23.11
N SER B 42 -23.74 24.54 -21.91
CA SER B 42 -24.93 24.05 -21.24
C SER B 42 -26.22 24.52 -21.91
N GLN B 43 -26.14 25.56 -22.75
CA GLN B 43 -27.32 26.09 -23.40
C GLN B 43 -27.62 25.43 -24.74
N ILE B 44 -26.74 24.56 -25.23
CA ILE B 44 -26.94 23.86 -26.50
C ILE B 44 -27.12 22.36 -26.29
N THR B 45 -26.38 21.78 -25.35
CA THR B 45 -26.48 20.35 -25.06
C THR B 45 -27.70 19.98 -24.22
N ASN B 46 -28.66 20.90 -24.06
CA ASN B 46 -29.85 20.59 -23.27
C ASN B 46 -30.70 19.52 -23.94
N ASN B 47 -30.68 19.45 -25.28
CA ASN B 47 -31.44 18.44 -26.00
C ASN B 47 -30.83 17.05 -25.90
N ILE B 48 -29.61 16.93 -25.39
CA ILE B 48 -28.97 15.63 -25.26
C ILE B 48 -29.60 14.86 -24.11
N ASP B 49 -29.96 13.60 -24.38
CA ASP B 49 -30.57 12.77 -23.36
C ASP B 49 -29.59 12.53 -22.22
N PRO B 50 -30.05 12.53 -20.98
CA PRO B 50 -29.13 12.35 -19.84
C PRO B 50 -28.49 10.96 -19.86
N VAL B 51 -27.26 10.91 -19.35
CA VAL B 51 -26.55 9.64 -19.26
C VAL B 51 -27.19 8.74 -18.23
N GLY B 52 -27.68 9.31 -17.13
CA GLY B 52 -28.25 8.54 -16.05
C GLY B 52 -27.21 8.12 -15.03
N ARG B 53 -27.68 7.39 -14.03
CA ARG B 53 -26.80 6.92 -12.97
C ARG B 53 -25.82 5.89 -13.51
N ILE B 54 -24.53 6.07 -13.21
CA ILE B 54 -23.48 5.18 -13.66
C ILE B 54 -22.94 4.45 -12.44
N GLN B 55 -22.97 3.12 -12.48
CA GLN B 55 -22.51 2.28 -11.38
C GLN B 55 -21.32 1.46 -11.85
N MET B 56 -20.24 1.50 -11.08
CA MET B 56 -19.03 0.75 -11.39
C MET B 56 -18.66 -0.13 -10.20
N ARG B 57 -18.05 -1.27 -10.49
CA ARG B 57 -17.67 -2.24 -9.48
C ARG B 57 -16.18 -2.52 -9.56
N THR B 58 -15.58 -2.81 -8.40
CA THR B 58 -14.15 -3.13 -8.33
C THR B 58 -13.94 -4.52 -8.89
N ARG B 59 -13.58 -4.60 -10.17
CA ARG B 59 -13.36 -5.90 -10.79
C ARG B 59 -12.07 -6.54 -10.30
N ARG B 60 -10.99 -5.77 -10.22
CA ARG B 60 -9.70 -6.27 -9.75
C ARG B 60 -9.13 -5.30 -8.73
N THR B 61 -8.41 -5.86 -7.76
CA THR B 61 -7.73 -5.08 -6.72
C THR B 61 -6.27 -5.49 -6.65
N LEU B 62 -5.39 -4.51 -6.54
CA LEU B 62 -3.95 -4.73 -6.49
C LEU B 62 -3.41 -4.19 -5.18
N ARG B 63 -2.62 -5.01 -4.47
CA ARG B 63 -2.11 -4.65 -3.16
C ARG B 63 -0.61 -4.88 -3.04
N GLY B 64 0.11 -4.90 -4.16
CA GLY B 64 1.54 -5.13 -4.11
C GLY B 64 2.30 -3.99 -3.44
N HIS B 65 1.88 -2.75 -3.70
CA HIS B 65 2.58 -1.60 -3.16
C HIS B 65 2.44 -1.52 -1.64
N LEU B 66 3.44 -0.94 -1.00
CA LEU B 66 3.46 -0.78 0.45
C LEU B 66 3.50 0.68 0.88
N ALA B 67 3.32 1.62 -0.05
CA ALA B 67 3.36 3.04 0.26
C ALA B 67 2.31 3.76 -0.59
N LYS B 68 2.16 5.05 -0.33
CA LYS B 68 1.15 5.84 -1.03
C LYS B 68 1.46 5.91 -2.52
N ILE B 69 0.47 5.56 -3.34
CA ILE B 69 0.64 5.59 -4.80
C ILE B 69 0.37 7.00 -5.30
N TYR B 70 1.30 7.52 -6.10
CA TYR B 70 1.22 8.90 -6.57
C TYR B 70 0.66 9.01 -7.98
N ALA B 71 1.19 8.24 -8.93
CA ALA B 71 0.77 8.35 -10.31
C ALA B 71 0.70 6.97 -10.95
N MET B 72 -0.07 6.88 -12.03
CA MET B 72 -0.22 5.64 -12.80
C MET B 72 -0.40 5.99 -14.27
N HIS B 73 -0.11 5.01 -15.12
CA HIS B 73 -0.30 5.18 -16.56
C HIS B 73 -0.69 3.85 -17.18
N TRP B 74 -1.57 3.91 -18.17
CA TRP B 74 -2.05 2.73 -18.86
C TRP B 74 -1.21 2.45 -20.09
N GLY B 75 -1.04 1.15 -20.38
CA GLY B 75 -0.31 0.76 -21.57
C GLY B 75 -1.16 0.80 -22.83
N THR B 76 -0.47 0.67 -23.97
CA THR B 76 -1.17 0.64 -25.24
C THR B 76 -2.05 -0.59 -25.37
N ASP B 77 -1.58 -1.73 -24.86
CA ASP B 77 -2.34 -2.98 -24.92
C ASP B 77 -3.54 -2.99 -24.00
N SER B 78 -3.67 -2.00 -23.12
CA SER B 78 -4.78 -1.90 -22.17
C SER B 78 -4.78 -3.06 -21.18
N ARG B 79 -3.61 -3.64 -20.94
CA ARG B 79 -3.45 -4.75 -20.01
C ARG B 79 -2.37 -4.50 -18.96
N LEU B 80 -1.29 -3.81 -19.32
CA LEU B 80 -0.18 -3.55 -18.43
C LEU B 80 -0.18 -2.09 -18.01
N LEU B 81 -0.01 -1.84 -16.72
CA LEU B 81 0.02 -0.49 -16.18
C LEU B 81 1.18 -0.35 -15.21
N VAL B 82 1.65 0.87 -15.06
CA VAL B 82 2.79 1.19 -14.20
C VAL B 82 2.29 1.93 -12.98
N SER B 83 2.67 1.46 -11.80
CA SER B 83 2.27 2.07 -10.54
C SER B 83 3.52 2.50 -9.77
N ALA B 84 3.50 3.74 -9.27
CA ALA B 84 4.63 4.32 -8.57
C ALA B 84 4.23 4.73 -7.16
N SER B 85 5.17 4.60 -6.22
CA SER B 85 4.92 4.96 -4.84
C SER B 85 6.24 5.40 -4.21
N GLN B 86 6.13 6.07 -3.07
CA GLN B 86 7.30 6.65 -2.41
C GLN B 86 8.23 5.59 -1.82
N ASP B 87 7.81 4.34 -1.76
CA ASP B 87 8.69 3.30 -1.24
C ASP B 87 9.88 3.01 -2.15
N GLY B 88 9.88 3.52 -3.37
CA GLY B 88 10.98 3.31 -4.28
C GLY B 88 10.86 2.10 -5.17
N LYS B 89 9.64 1.64 -5.46
CA LYS B 89 9.42 0.47 -6.28
C LYS B 89 8.45 0.79 -7.41
N LEU B 90 8.82 0.40 -8.62
CA LEU B 90 7.94 0.49 -9.78
C LEU B 90 7.36 -0.88 -10.07
N ILE B 91 6.05 -0.97 -10.20
CA ILE B 91 5.36 -2.23 -10.42
C ILE B 91 4.63 -2.16 -11.76
N ILE B 92 4.87 -3.16 -12.61
CA ILE B 92 4.14 -3.34 -13.85
C ILE B 92 3.05 -4.37 -13.56
N TRP B 93 1.79 -3.93 -13.57
CA TRP B 93 0.68 -4.77 -13.18
C TRP B 93 0.00 -5.38 -14.39
N ASP B 94 -0.24 -6.69 -14.33
CA ASP B 94 -1.05 -7.39 -15.33
C ASP B 94 -2.50 -7.31 -14.86
N SER B 95 -3.22 -6.29 -15.30
CA SER B 95 -4.56 -6.04 -14.78
C SER B 95 -5.52 -7.18 -15.09
N TYR B 96 -5.28 -7.92 -16.16
CA TYR B 96 -6.17 -9.03 -16.52
C TYR B 96 -6.09 -10.15 -15.48
N THR B 97 -4.88 -10.53 -15.09
CA THR B 97 -4.68 -11.65 -14.18
C THR B 97 -3.99 -11.25 -12.87
N THR B 98 -3.86 -9.96 -12.60
CA THR B 98 -3.58 -9.42 -11.26
C THR B 98 -2.13 -9.63 -10.82
N ASN B 99 -1.35 -10.41 -11.56
CA ASN B 99 0.03 -10.61 -11.13
C ASN B 99 0.91 -9.43 -11.53
N LYS B 100 2.12 -9.41 -11.00
CA LYS B 100 3.07 -8.33 -11.21
C LYS B 100 4.05 -8.73 -12.31
N VAL B 101 4.08 -7.94 -13.39
CA VAL B 101 4.98 -8.25 -14.50
C VAL B 101 6.43 -7.99 -14.10
N HIS B 102 6.71 -6.87 -13.44
CA HIS B 102 8.07 -6.51 -13.10
C HIS B 102 8.07 -5.64 -11.85
N ALA B 103 9.23 -5.61 -11.19
CA ALA B 103 9.46 -4.76 -10.02
C ALA B 103 10.80 -4.06 -10.20
N ILE B 104 10.77 -2.74 -10.33
CA ILE B 104 11.95 -1.93 -10.62
C ILE B 104 12.33 -1.18 -9.34
N PRO B 105 13.47 -1.52 -8.71
CA PRO B 105 13.93 -0.75 -7.54
C PRO B 105 14.54 0.57 -7.99
N LEU B 106 13.95 1.67 -7.54
CA LEU B 106 14.36 3.00 -7.98
C LEU B 106 15.41 3.59 -7.03
N ARG B 107 16.37 4.29 -7.61
CA ARG B 107 17.43 4.90 -6.80
C ARG B 107 16.86 5.96 -5.86
N SER B 108 15.92 6.77 -6.35
CA SER B 108 15.27 7.79 -5.55
C SER B 108 13.91 7.26 -5.10
N SER B 109 13.69 7.21 -3.79
CA SER B 109 12.44 6.65 -3.27
C SER B 109 11.25 7.50 -3.67
N TRP B 110 11.38 8.82 -3.60
CA TRP B 110 10.26 9.70 -3.90
C TRP B 110 9.95 9.70 -5.39
N VAL B 111 8.69 9.50 -5.73
CA VAL B 111 8.24 9.48 -7.12
C VAL B 111 6.91 10.20 -7.18
N MET B 112 6.75 11.05 -8.19
CA MET B 112 5.51 11.77 -8.41
C MET B 112 4.87 11.48 -9.76
N THR B 113 5.55 10.77 -10.65
CA THR B 113 5.00 10.49 -11.98
C THR B 113 5.58 9.19 -12.51
N CYS B 114 4.86 8.58 -13.44
CA CYS B 114 5.33 7.39 -14.13
C CYS B 114 4.60 7.30 -15.47
N ALA B 115 5.33 6.93 -16.52
CA ALA B 115 4.79 6.86 -17.86
C ALA B 115 5.16 5.52 -18.51
N TYR B 116 4.26 5.03 -19.36
CA TYR B 116 4.47 3.82 -20.13
C TYR B 116 4.57 4.21 -21.60
N ALA B 117 5.66 3.81 -22.25
CA ALA B 117 5.87 4.17 -23.64
C ALA B 117 4.82 3.49 -24.54
N PRO B 118 4.41 4.16 -25.62
CA PRO B 118 3.44 3.53 -26.53
C PRO B 118 3.94 2.22 -27.12
N SER B 119 5.24 2.10 -27.37
CA SER B 119 5.79 0.83 -27.85
C SER B 119 5.81 -0.22 -26.75
N GLY B 120 5.91 0.22 -25.48
CA GLY B 120 5.94 -0.69 -24.36
C GLY B 120 7.32 -1.12 -23.93
N ASN B 121 8.37 -0.78 -24.67
CA ASN B 121 9.72 -1.21 -24.32
C ASN B 121 10.31 -0.40 -23.16
N TYR B 122 9.90 0.86 -23.01
CA TYR B 122 10.49 1.75 -22.02
C TYR B 122 9.42 2.26 -21.07
N VAL B 123 9.85 2.67 -19.87
CA VAL B 123 8.99 3.28 -18.89
C VAL B 123 9.71 4.49 -18.30
N ALA B 124 8.92 5.38 -17.71
CA ALA B 124 9.44 6.60 -17.09
C ALA B 124 9.07 6.61 -15.61
N CYS B 125 9.91 7.25 -14.81
CA CYS B 125 9.70 7.29 -13.36
C CYS B 125 10.55 8.39 -12.76
N GLY B 126 9.92 9.34 -12.06
CA GLY B 126 10.64 10.41 -11.42
C GLY B 126 9.81 11.08 -10.35
N GLY B 127 10.49 11.76 -9.44
CA GLY B 127 9.82 12.40 -8.31
C GLY B 127 10.44 13.71 -7.88
N LEU B 128 10.70 13.84 -6.57
CA LEU B 128 11.28 15.07 -6.05
C LEU B 128 12.63 15.36 -6.69
N ASP B 129 13.39 14.32 -7.03
CA ASP B 129 14.63 14.51 -7.77
C ASP B 129 14.34 15.07 -9.15
N ASN B 130 15.26 15.90 -9.64
CA ASN B 130 15.11 16.57 -10.93
C ASN B 130 15.29 15.61 -12.12
N ILE B 131 15.40 14.32 -11.85
CA ILE B 131 15.62 13.30 -12.88
C ILE B 131 14.44 12.34 -12.85
N CYS B 132 13.78 12.14 -13.99
CA CYS B 132 12.81 11.05 -14.11
C CYS B 132 13.46 10.00 -15.01
N SER B 133 13.96 8.94 -14.37
CA SER B 133 14.74 7.94 -15.06
C SER B 133 13.89 7.12 -16.00
N ILE B 134 14.52 6.56 -17.03
CA ILE B 134 13.86 5.75 -18.04
C ILE B 134 14.45 4.35 -18.00
N TYR B 135 13.59 3.35 -17.84
CA TYR B 135 13.99 1.96 -17.68
C TYR B 135 13.54 1.15 -18.88
N ASN B 136 14.41 0.27 -19.36
CA ASN B 136 14.11 -0.59 -20.49
C ASN B 136 13.46 -1.88 -19.99
N LEU B 137 12.29 -2.20 -20.54
CA LEU B 137 11.54 -3.38 -20.15
C LEU B 137 11.84 -4.60 -21.00
N LYS B 138 12.59 -4.45 -22.09
CA LYS B 138 12.87 -5.53 -23.02
C LYS B 138 14.38 -5.74 -23.19
N THR B 139 15.12 -5.73 -22.09
CA THR B 139 16.56 -5.93 -22.15
C THR B 139 16.87 -7.40 -22.41
N ARG B 140 18.04 -7.64 -23.02
CA ARG B 140 18.49 -9.00 -23.27
C ARG B 140 18.78 -9.73 -21.97
N GLU B 141 19.33 -9.03 -20.97
CA GLU B 141 19.66 -9.65 -19.70
C GLU B 141 18.42 -10.08 -18.92
N GLY B 142 17.24 -9.59 -19.29
CA GLY B 142 16.01 -9.96 -18.63
C GLY B 142 15.68 -9.15 -17.40
N ASN B 143 16.56 -8.25 -16.97
CA ASN B 143 16.31 -7.38 -15.84
C ASN B 143 15.95 -5.97 -16.33
N VAL B 144 15.47 -5.15 -15.40
CA VAL B 144 15.10 -3.77 -15.70
C VAL B 144 16.18 -2.86 -15.14
N ARG B 145 16.79 -2.07 -16.02
CA ARG B 145 17.87 -1.17 -15.64
C ARG B 145 17.65 0.19 -16.30
N VAL B 146 18.25 1.22 -15.69
CA VAL B 146 18.13 2.57 -16.21
C VAL B 146 18.82 2.67 -17.56
N SER B 147 18.27 3.48 -18.45
CA SER B 147 18.83 3.70 -19.77
C SER B 147 19.40 5.11 -19.94
N ARG B 148 18.66 6.13 -19.53
CA ARG B 148 19.12 7.51 -19.61
C ARG B 148 18.70 8.25 -18.34
N GLU B 149 19.47 9.30 -18.01
CA GLU B 149 19.20 10.13 -16.85
C GLU B 149 19.05 11.57 -17.32
N LEU B 150 17.83 12.10 -17.25
CA LEU B 150 17.55 13.48 -17.65
C LEU B 150 17.67 14.38 -16.44
N ALA B 151 18.90 14.81 -16.16
CA ALA B 151 19.22 15.58 -14.96
C ALA B 151 19.38 17.07 -15.25
N GLY B 152 18.79 17.56 -16.34
CA GLY B 152 18.89 18.96 -16.68
C GLY B 152 17.91 19.88 -16.01
N HIS B 153 16.99 19.35 -15.20
CA HIS B 153 16.00 20.17 -14.54
C HIS B 153 16.58 20.75 -13.24
N THR B 154 15.88 21.75 -12.70
CA THR B 154 16.26 22.40 -11.45
C THR B 154 15.30 22.07 -10.31
N GLY B 155 14.00 22.28 -10.52
CA GLY B 155 13.01 21.94 -9.52
C GLY B 155 12.62 20.47 -9.57
N TYR B 156 11.75 20.10 -8.64
CA TYR B 156 11.26 18.72 -8.59
C TYR B 156 10.44 18.42 -9.84
N LEU B 157 10.68 17.24 -10.41
CA LEU B 157 9.96 16.81 -11.61
C LEU B 157 8.59 16.26 -11.21
N SER B 158 7.55 16.78 -11.86
CA SER B 158 6.17 16.45 -11.51
C SER B 158 5.49 15.49 -12.47
N CYS B 159 5.80 15.58 -13.77
CA CYS B 159 5.17 14.70 -14.75
C CYS B 159 6.00 14.69 -16.02
N CYS B 160 6.49 13.52 -16.41
CA CYS B 160 7.11 13.33 -17.72
C CYS B 160 6.40 12.20 -18.43
N ARG B 161 5.82 12.49 -19.59
CA ARG B 161 5.03 11.54 -20.37
C ARG B 161 5.76 11.18 -21.65
N PHE B 162 5.69 9.91 -22.03
CA PHE B 162 6.41 9.41 -23.19
C PHE B 162 5.75 9.89 -24.47
N LEU B 163 6.56 10.43 -25.38
CA LEU B 163 6.09 10.84 -26.70
C LEU B 163 6.32 9.75 -27.74
N ASP B 164 7.50 9.14 -27.72
CA ASP B 164 7.85 8.05 -28.62
C ASP B 164 9.02 7.29 -28.01
N ASP B 165 9.57 6.34 -28.75
CA ASP B 165 10.71 5.57 -28.26
C ASP B 165 11.96 6.42 -28.11
N ASN B 166 12.02 7.57 -28.79
CA ASN B 166 13.21 8.42 -28.76
C ASN B 166 12.95 9.82 -28.22
N GLN B 167 11.70 10.18 -27.95
CA GLN B 167 11.37 11.52 -27.46
C GLN B 167 10.49 11.43 -26.23
N ILE B 168 10.79 12.25 -25.24
CA ILE B 168 9.99 12.38 -24.03
C ILE B 168 9.85 13.86 -23.68
N VAL B 169 8.79 14.20 -22.96
CA VAL B 169 8.54 15.56 -22.51
C VAL B 169 8.33 15.55 -21.01
N THR B 170 8.95 16.48 -20.31
CA THR B 170 8.96 16.51 -18.86
C THR B 170 8.42 17.84 -18.34
N SER B 171 7.81 17.78 -17.15
CA SER B 171 7.36 18.96 -16.43
C SER B 171 7.96 18.93 -15.03
N SER B 172 8.54 20.05 -14.61
CA SER B 172 9.26 20.12 -13.35
C SER B 172 8.64 21.18 -12.44
N GLY B 173 9.21 21.31 -11.24
CA GLY B 173 8.70 22.29 -10.29
C GLY B 173 8.90 23.72 -10.74
N ASP B 174 10.03 23.99 -11.39
CA ASP B 174 10.26 25.32 -11.94
C ASP B 174 9.26 25.61 -13.05
N THR B 175 9.19 26.89 -13.44
CA THR B 175 8.26 27.28 -14.49
C THR B 175 8.85 26.99 -15.86
N THR B 176 9.33 25.75 -16.05
CA THR B 176 9.91 25.32 -17.31
C THR B 176 9.40 23.93 -17.65
N CYS B 177 9.38 23.63 -18.95
CA CYS B 177 9.12 22.29 -19.45
C CYS B 177 10.17 21.95 -20.50
N ALA B 178 10.51 20.67 -20.59
CA ALA B 178 11.59 20.23 -21.45
C ALA B 178 11.17 19.01 -22.26
N LEU B 179 11.70 18.94 -23.49
CA LEU B 179 11.54 17.78 -24.35
C LEU B 179 12.92 17.19 -24.62
N TRP B 180 13.08 15.90 -24.35
CA TRP B 180 14.37 15.24 -24.40
C TRP B 180 14.43 14.24 -25.54
N ASP B 181 15.66 13.92 -25.96
CA ASP B 181 15.93 12.86 -26.91
C ASP B 181 16.62 11.73 -26.14
N ILE B 182 16.15 10.51 -26.32
CA ILE B 182 16.65 9.39 -25.53
C ILE B 182 18.10 9.09 -25.88
N GLU B 183 18.46 9.17 -27.15
CA GLU B 183 19.80 8.81 -27.57
C GLU B 183 20.85 9.72 -26.94
N THR B 184 20.59 11.02 -26.89
CA THR B 184 21.55 11.97 -26.33
C THR B 184 21.30 12.32 -24.88
N GLY B 185 20.06 12.22 -24.42
CA GLY B 185 19.73 12.60 -23.05
C GLY B 185 19.92 14.07 -22.76
N GLN B 186 19.50 14.94 -23.67
CA GLN B 186 19.67 16.38 -23.53
C GLN B 186 18.36 17.09 -23.88
N GLN B 187 18.22 18.29 -23.36
CA GLN B 187 17.02 19.11 -23.60
C GLN B 187 17.05 19.62 -25.03
N THR B 188 16.35 18.92 -25.93
CA THR B 188 16.29 19.37 -27.32
C THR B 188 15.57 20.70 -27.44
N THR B 189 14.37 20.80 -26.85
CA THR B 189 13.63 22.05 -26.82
C THR B 189 13.17 22.31 -25.39
N THR B 190 13.16 23.56 -24.99
CA THR B 190 12.70 23.97 -23.67
C THR B 190 11.56 24.96 -23.80
N PHE B 191 10.73 25.01 -22.77
CA PHE B 191 9.57 25.90 -22.71
C PHE B 191 9.69 26.77 -21.47
N THR B 192 9.39 28.05 -21.61
CA THR B 192 9.41 28.84 -20.37
C THR B 192 8.26 29.82 -20.48
N GLY B 193 7.08 29.40 -20.04
CA GLY B 193 5.97 30.35 -20.04
C GLY B 193 5.29 30.38 -18.70
N HIS B 194 5.11 29.21 -18.10
CA HIS B 194 4.33 29.17 -16.85
C HIS B 194 5.05 30.08 -15.87
N THR B 195 4.33 30.57 -14.86
CA THR B 195 4.93 31.49 -13.88
C THR B 195 4.87 30.81 -12.54
N GLY B 196 4.38 29.59 -12.54
CA GLY B 196 4.27 28.85 -11.29
C GLY B 196 4.92 27.50 -11.40
N ASP B 197 4.36 26.51 -10.71
CA ASP B 197 5.02 25.20 -10.63
C ASP B 197 4.18 24.21 -11.39
N VAL B 198 4.61 23.82 -12.56
CA VAL B 198 3.92 22.86 -13.42
C VAL B 198 3.73 21.55 -12.66
N MET B 199 2.50 21.01 -12.73
CA MET B 199 2.14 19.81 -11.99
C MET B 199 1.84 18.62 -12.90
N SER B 200 0.92 18.79 -13.86
CA SER B 200 0.51 17.69 -14.73
C SER B 200 0.65 18.10 -16.19
N LEU B 201 0.91 17.11 -17.03
CA LEU B 201 1.11 17.31 -18.46
C LEU B 201 0.30 16.28 -19.22
N SER B 202 -0.23 16.68 -20.37
CA SER B 202 -1.03 15.80 -21.22
C SER B 202 -0.62 15.98 -22.67
N LEU B 203 -0.80 14.92 -23.46
CA LEU B 203 -0.38 14.89 -24.85
C LEU B 203 -1.59 14.69 -25.76
N ALA B 204 -1.60 15.40 -26.88
CA ALA B 204 -2.65 15.21 -27.87
C ALA B 204 -2.46 13.87 -28.58
N PRO B 205 -3.55 13.26 -29.04
CA PRO B 205 -3.42 11.99 -29.76
C PRO B 205 -2.57 12.08 -31.01
N ASP B 206 -2.56 13.23 -31.69
CA ASP B 206 -1.77 13.41 -32.90
C ASP B 206 -0.27 13.52 -32.66
N THR B 207 0.15 13.60 -31.39
CA THR B 207 1.56 13.61 -31.02
C THR B 207 2.31 14.77 -31.68
N ARG B 208 1.69 15.94 -31.70
CA ARG B 208 2.34 17.17 -32.16
C ARG B 208 2.13 18.36 -31.23
N LEU B 209 1.11 18.35 -30.38
CA LEU B 209 0.85 19.41 -29.43
C LEU B 209 0.62 18.82 -28.06
N PHE B 210 0.89 19.61 -27.03
CA PHE B 210 0.66 19.17 -25.65
C PHE B 210 0.35 20.37 -24.78
N VAL B 211 -0.47 20.15 -23.75
CA VAL B 211 -0.91 21.20 -22.84
C VAL B 211 -0.54 20.79 -21.42
N SER B 212 -0.13 21.77 -20.63
CA SER B 212 0.26 21.53 -19.24
C SER B 212 -0.31 22.65 -18.36
N GLY B 213 -0.48 22.32 -17.08
CA GLY B 213 -0.98 23.28 -16.12
C GLY B 213 -0.03 23.48 -14.96
N ALA B 214 -0.14 24.63 -14.28
CA ALA B 214 0.78 24.98 -13.20
C ALA B 214 -0.01 25.58 -12.05
N CYS B 215 0.72 25.99 -11.01
CA CYS B 215 0.10 26.54 -9.81
C CYS B 215 -0.46 27.95 -10.03
N ASP B 216 -0.16 28.58 -11.16
CA ASP B 216 -0.64 29.92 -11.47
C ASP B 216 -2.03 29.93 -12.08
N ALA B 217 -2.79 28.85 -11.92
CA ALA B 217 -4.18 28.75 -12.40
C ALA B 217 -4.27 29.02 -13.90
N SER B 218 -3.30 28.51 -14.65
CA SER B 218 -3.27 28.69 -16.10
C SER B 218 -2.76 27.44 -16.78
N ALA B 219 -3.39 27.09 -17.90
CA ALA B 219 -2.97 25.97 -18.73
C ALA B 219 -2.54 26.53 -20.09
N LYS B 220 -1.36 26.09 -20.55
CA LYS B 220 -0.75 26.64 -21.75
C LYS B 220 -0.50 25.53 -22.77
N LEU B 221 -0.92 25.77 -24.01
CA LEU B 221 -0.60 24.88 -25.11
C LEU B 221 0.85 25.09 -25.56
N TRP B 222 1.51 24.00 -25.92
CA TRP B 222 2.85 24.07 -26.49
C TRP B 222 2.97 23.05 -27.61
N ASP B 223 3.80 23.38 -28.59
CA ASP B 223 4.10 22.49 -29.71
C ASP B 223 5.50 21.90 -29.53
N VAL B 224 5.60 20.58 -29.67
CA VAL B 224 6.89 19.93 -29.53
C VAL B 224 7.84 20.33 -30.65
N ARG B 225 7.25 20.55 -31.81
CA ARG B 225 8.07 20.92 -32.97
C ARG B 225 8.56 22.34 -32.74
N GLU B 226 7.68 23.32 -32.84
CA GLU B 226 8.15 24.72 -32.76
C GLU B 226 8.66 24.97 -31.34
N GLY B 227 7.81 25.24 -30.35
CA GLY B 227 8.37 25.42 -29.01
C GLY B 227 7.89 26.67 -28.33
N MET B 228 6.59 26.97 -28.40
CA MET B 228 6.12 28.25 -27.85
C MET B 228 4.63 28.16 -27.54
N CYS B 229 4.23 28.79 -26.44
CA CYS B 229 2.81 28.72 -26.06
C CYS B 229 1.97 29.27 -27.20
N ARG B 230 1.04 28.47 -27.70
CA ARG B 230 0.19 28.89 -28.83
C ARG B 230 -1.06 29.53 -28.25
N GLN B 231 -1.43 29.11 -27.06
CA GLN B 231 -2.64 29.56 -26.37
C GLN B 231 -2.48 29.36 -24.87
N THR B 232 -3.17 30.18 -24.10
CA THR B 232 -3.21 30.04 -22.65
C THR B 232 -4.64 30.25 -22.17
N PHE B 233 -4.96 29.63 -21.03
CA PHE B 233 -6.29 29.71 -20.45
C PHE B 233 -6.16 30.03 -18.97
N THR B 234 -6.89 31.05 -18.52
CA THR B 234 -6.84 31.51 -17.14
C THR B 234 -8.23 31.55 -16.53
N GLY B 235 -8.99 30.48 -16.72
CA GLY B 235 -10.34 30.40 -16.20
C GLY B 235 -10.45 29.94 -14.77
N HIS B 236 -9.35 29.57 -14.12
CA HIS B 236 -9.37 29.09 -12.76
C HIS B 236 -8.95 30.18 -11.77
N GLU B 237 -9.11 29.88 -10.49
CA GLU B 237 -8.78 30.83 -9.42
C GLU B 237 -7.94 30.18 -8.32
N SER B 238 -7.34 29.02 -8.59
CA SER B 238 -6.52 28.34 -7.60
C SER B 238 -5.55 27.42 -8.35
N ASP B 239 -4.66 26.78 -7.58
CA ASP B 239 -3.66 25.90 -8.18
C ASP B 239 -4.33 24.72 -8.88
N ILE B 240 -3.83 24.41 -10.08
CA ILE B 240 -4.35 23.30 -10.88
C ILE B 240 -3.26 22.24 -11.00
N ASN B 241 -3.68 20.97 -10.88
CA ASN B 241 -2.74 19.86 -10.96
C ASN B 241 -3.29 18.68 -11.73
N ALA B 242 -4.43 18.82 -12.40
CA ALA B 242 -5.04 17.74 -13.16
C ALA B 242 -5.50 18.29 -14.50
N ILE B 243 -4.92 17.77 -15.59
CA ILE B 243 -5.26 18.26 -16.92
C ILE B 243 -5.00 17.14 -17.93
N CYS B 244 -5.99 16.86 -18.77
CA CYS B 244 -5.90 15.80 -19.77
C CYS B 244 -6.60 16.24 -21.04
N PHE B 245 -6.13 15.70 -22.17
CA PHE B 245 -6.68 16.05 -23.47
C PHE B 245 -7.97 15.29 -23.75
N PHE B 246 -8.80 15.88 -24.62
CA PHE B 246 -9.95 15.18 -25.17
C PHE B 246 -9.48 14.10 -26.14
N PRO B 247 -10.27 13.03 -26.31
CA PRO B 247 -9.88 12.00 -27.29
C PRO B 247 -9.75 12.54 -28.71
N ASN B 248 -10.54 13.55 -29.09
CA ASN B 248 -10.44 14.13 -30.41
C ASN B 248 -9.31 15.16 -30.53
N GLY B 249 -8.77 15.63 -29.40
CA GLY B 249 -7.64 16.54 -29.42
C GLY B 249 -7.98 18.00 -29.61
N ASN B 250 -9.25 18.35 -29.78
CA ASN B 250 -9.65 19.74 -29.96
C ASN B 250 -10.07 20.41 -28.67
N ALA B 251 -9.97 19.73 -27.54
CA ALA B 251 -10.33 20.31 -26.25
C ALA B 251 -9.58 19.57 -25.16
N PHE B 252 -9.69 20.07 -23.93
CA PHE B 252 -9.09 19.41 -22.78
C PHE B 252 -9.79 19.89 -21.51
N ALA B 253 -9.68 19.08 -20.47
CA ALA B 253 -10.28 19.36 -19.17
C ALA B 253 -9.19 19.57 -18.13
N THR B 254 -9.43 20.51 -17.23
CA THR B 254 -8.45 20.90 -16.22
C THR B 254 -9.08 20.82 -14.84
N GLY B 255 -8.39 20.17 -13.91
CA GLY B 255 -8.82 20.08 -12.52
C GLY B 255 -7.94 20.95 -11.64
N SER B 256 -8.55 21.59 -10.65
CA SER B 256 -7.86 22.52 -9.78
C SER B 256 -8.03 22.08 -8.32
N ASP B 257 -7.56 22.93 -7.39
CA ASP B 257 -7.65 22.65 -5.97
C ASP B 257 -8.93 23.19 -5.34
N ASP B 258 -9.78 23.86 -6.11
CA ASP B 258 -11.02 24.43 -5.60
C ASP B 258 -12.24 23.58 -5.95
N ALA B 259 -12.05 22.28 -6.17
CA ALA B 259 -13.13 21.36 -6.50
C ALA B 259 -13.88 21.79 -7.76
N THR B 260 -13.14 22.35 -8.72
CA THR B 260 -13.70 22.79 -9.99
C THR B 260 -12.95 22.14 -11.14
N CYS B 261 -13.69 21.49 -12.04
CA CYS B 261 -13.15 20.94 -13.27
C CYS B 261 -13.67 21.78 -14.43
N ARG B 262 -12.76 22.29 -15.25
CA ARG B 262 -13.11 23.19 -16.34
C ARG B 262 -12.64 22.57 -17.66
N LEU B 263 -13.51 22.62 -18.67
CA LEU B 263 -13.19 22.13 -20.00
C LEU B 263 -12.85 23.31 -20.89
N PHE B 264 -11.66 23.27 -21.50
CA PHE B 264 -11.19 24.32 -22.38
C PHE B 264 -11.06 23.77 -23.79
N ASP B 265 -11.62 24.48 -24.76
CA ASP B 265 -11.51 24.10 -26.15
C ASP B 265 -10.32 24.76 -26.82
N LEU B 266 -9.89 24.18 -27.94
CA LEU B 266 -8.74 24.67 -28.69
C LEU B 266 -9.14 25.56 -29.87
N ARG B 267 -10.43 25.84 -30.02
CA ARG B 267 -10.93 26.66 -31.11
C ARG B 267 -11.37 28.04 -30.66
N ALA B 268 -12.22 28.13 -29.64
CA ALA B 268 -12.68 29.41 -29.12
C ALA B 268 -11.68 30.03 -28.14
N ASP B 269 -10.70 29.26 -27.67
CA ASP B 269 -9.68 29.76 -26.74
C ASP B 269 -10.29 30.36 -25.49
N GLN B 270 -11.29 29.67 -24.93
CA GLN B 270 -11.90 30.09 -23.67
C GLN B 270 -12.51 28.87 -22.99
N GLU B 271 -12.77 29.03 -21.69
CA GLU B 271 -13.40 27.96 -20.93
C GLU B 271 -14.79 27.69 -21.45
N LEU B 272 -15.17 26.41 -21.50
CA LEU B 272 -16.50 26.02 -22.06
C LEU B 272 -17.33 25.20 -21.08
N MET B 273 -16.88 24.95 -19.86
CA MET B 273 -17.75 24.25 -18.88
C MET B 273 -17.07 24.19 -17.53
N THR B 274 -17.83 24.29 -16.45
CA THR B 274 -17.23 24.29 -15.10
C THR B 274 -17.94 23.30 -14.21
N TYR B 275 -17.34 22.14 -14.03
CA TYR B 275 -17.96 21.11 -13.20
C TYR B 275 -17.61 21.40 -11.74
N SER B 276 -18.64 21.59 -10.91
CA SER B 276 -18.41 21.86 -9.50
C SER B 276 -19.65 21.47 -8.72
N HIS B 277 -19.45 21.18 -7.43
CA HIS B 277 -20.54 20.84 -6.53
C HIS B 277 -20.33 21.55 -5.20
N ASP B 278 -21.44 21.93 -4.57
CA ASP B 278 -21.37 22.60 -3.27
C ASP B 278 -20.80 21.68 -2.20
N ASN B 279 -21.18 20.40 -2.23
CA ASN B 279 -20.74 19.45 -1.21
C ASN B 279 -19.25 19.10 -1.32
N ILE B 280 -18.59 19.47 -2.41
CA ILE B 280 -17.18 19.17 -2.61
C ILE B 280 -16.39 20.46 -2.43
N ILE B 281 -15.45 20.45 -1.49
CA ILE B 281 -14.61 21.61 -1.21
C ILE B 281 -13.15 21.20 -1.27
N CYS B 282 -12.90 19.90 -1.40
CA CYS B 282 -11.55 19.37 -1.45
C CYS B 282 -10.95 19.57 -2.84
N GLY B 283 -9.65 19.36 -2.95
CA GLY B 283 -8.95 19.53 -4.20
C GLY B 283 -9.07 18.32 -5.12
N ILE B 284 -8.53 18.48 -6.32
CA ILE B 284 -8.52 17.44 -7.34
C ILE B 284 -7.07 17.06 -7.63
N THR B 285 -6.85 15.78 -7.89
CA THR B 285 -5.51 15.25 -8.11
C THR B 285 -5.25 14.93 -9.57
N SER B 286 -6.07 14.08 -10.19
CA SER B 286 -5.87 13.72 -11.59
C SER B 286 -7.22 13.66 -12.28
N VAL B 287 -7.21 13.97 -13.58
CA VAL B 287 -8.42 13.99 -14.41
C VAL B 287 -8.13 13.19 -15.68
N SER B 288 -9.09 12.35 -16.07
CA SER B 288 -8.93 11.52 -17.26
C SER B 288 -10.28 11.34 -17.94
N PHE B 289 -10.29 11.47 -19.25
CA PHE B 289 -11.51 11.30 -20.04
C PHE B 289 -11.74 9.83 -20.38
N SER B 290 -12.89 9.56 -20.99
CA SER B 290 -13.21 8.23 -21.48
C SER B 290 -12.75 8.11 -22.93
N LYS B 291 -13.06 6.96 -23.55
CA LYS B 291 -12.67 6.74 -24.94
C LYS B 291 -13.39 7.71 -25.87
N SER B 292 -14.69 7.93 -25.66
CA SER B 292 -15.46 8.83 -26.49
C SER B 292 -15.48 10.26 -25.97
N GLY B 293 -14.98 10.50 -24.76
CA GLY B 293 -14.98 11.83 -24.18
C GLY B 293 -16.29 12.26 -23.56
N ARG B 294 -17.32 11.43 -23.63
CA ARG B 294 -18.60 11.79 -23.02
C ARG B 294 -18.50 11.79 -21.50
N LEU B 295 -17.72 10.88 -20.93
CA LEU B 295 -17.61 10.71 -19.50
C LEU B 295 -16.27 11.24 -19.03
N LEU B 296 -16.29 12.10 -18.02
CA LEU B 296 -15.08 12.66 -17.42
C LEU B 296 -14.96 12.18 -15.98
N LEU B 297 -13.78 11.67 -15.62
CA LEU B 297 -13.52 11.17 -14.29
C LEU B 297 -12.47 12.05 -13.63
N ALA B 298 -12.75 12.48 -12.40
CA ALA B 298 -11.86 13.35 -11.65
C ALA B 298 -11.56 12.74 -10.30
N GLY B 299 -10.30 12.84 -9.89
CA GLY B 299 -9.88 12.31 -8.60
C GLY B 299 -9.83 13.35 -7.51
N TYR B 300 -10.75 13.28 -6.55
CA TYR B 300 -10.86 14.26 -5.50
C TYR B 300 -10.18 13.79 -4.22
N ASP B 301 -9.88 14.76 -3.35
CA ASP B 301 -9.14 14.51 -2.13
C ASP B 301 -9.98 13.95 -0.99
N ASP B 302 -11.31 13.99 -1.11
CA ASP B 302 -12.17 13.53 -0.02
C ASP B 302 -12.41 12.02 -0.07
N PHE B 303 -11.32 11.27 -0.20
CA PHE B 303 -11.34 9.80 -0.16
C PHE B 303 -12.36 9.23 -1.14
N ASN B 304 -12.55 9.92 -2.28
CA ASN B 304 -13.63 9.58 -3.18
C ASN B 304 -13.26 10.07 -4.57
N CYS B 305 -13.72 9.32 -5.58
CA CYS B 305 -13.53 9.67 -6.98
C CYS B 305 -14.90 9.82 -7.64
N ASN B 306 -15.07 10.89 -8.41
CA ASN B 306 -16.37 11.26 -8.96
C ASN B 306 -16.37 11.12 -10.47
N VAL B 307 -17.56 10.93 -11.03
CA VAL B 307 -17.76 10.79 -12.46
C VAL B 307 -18.70 11.91 -12.91
N TRP B 308 -18.30 12.64 -13.95
CA TRP B 308 -19.07 13.75 -14.48
C TRP B 308 -19.33 13.57 -15.96
N ASP B 309 -20.39 14.22 -16.44
CA ASP B 309 -20.73 14.23 -17.85
C ASP B 309 -20.09 15.44 -18.52
N ALA B 310 -19.44 15.21 -19.65
CA ALA B 310 -18.77 16.30 -20.36
C ALA B 310 -19.76 17.30 -20.95
N LEU B 311 -21.01 16.91 -21.18
CA LEU B 311 -22.01 17.78 -21.79
C LEU B 311 -23.05 18.25 -20.77
N LYS B 312 -23.70 17.32 -20.06
CA LYS B 312 -24.78 17.70 -19.16
C LYS B 312 -24.28 18.13 -17.79
N ALA B 313 -23.09 17.68 -17.40
CA ALA B 313 -22.48 18.02 -16.11
C ALA B 313 -23.37 17.59 -14.94
N ASP B 314 -23.61 16.30 -14.86
CA ASP B 314 -24.36 15.69 -13.77
C ASP B 314 -23.49 14.66 -13.06
N ARG B 315 -23.86 14.36 -11.81
CA ARG B 315 -23.15 13.37 -11.00
C ARG B 315 -23.53 11.98 -11.50
N ALA B 316 -22.82 11.54 -12.55
CA ALA B 316 -23.12 10.25 -13.15
C ALA B 316 -22.85 9.11 -12.17
N GLY B 317 -21.76 9.18 -11.43
CA GLY B 317 -21.43 8.13 -10.49
C GLY B 317 -20.36 8.58 -9.51
N VAL B 318 -20.26 7.83 -8.41
CA VAL B 318 -19.29 8.09 -7.36
C VAL B 318 -18.56 6.80 -7.06
N LEU B 319 -17.22 6.86 -7.06
CA LEU B 319 -16.37 5.70 -6.75
C LEU B 319 -15.62 6.01 -5.45
N ALA B 320 -16.18 5.55 -4.33
CA ALA B 320 -15.61 5.80 -3.01
C ALA B 320 -14.99 4.54 -2.43
N GLY B 321 -14.34 3.75 -3.28
CA GLY B 321 -13.73 2.50 -2.84
C GLY B 321 -12.34 2.63 -2.25
N HIS B 322 -11.81 3.83 -2.10
CA HIS B 322 -10.48 4.05 -1.57
C HIS B 322 -10.56 4.71 -0.21
N ASP B 323 -9.82 4.17 0.75
CA ASP B 323 -9.86 4.70 2.12
C ASP B 323 -9.24 6.08 2.20
N ASN B 324 -8.05 6.24 1.61
CA ASN B 324 -7.34 7.51 1.63
C ASN B 324 -7.66 8.30 0.36
N ARG B 325 -6.75 9.20 -0.03
CA ARG B 325 -6.95 10.06 -1.24
C ARG B 325 -6.66 9.41 -2.60
N VAL B 326 -7.47 9.67 -3.63
CA VAL B 326 -7.26 9.15 -5.02
C VAL B 326 -6.33 10.11 -5.72
N SER B 327 -5.05 9.78 -5.71
CA SER B 327 -4.04 10.64 -6.31
C SER B 327 -3.96 10.51 -7.82
N CYS B 328 -4.49 9.43 -8.40
CA CYS B 328 -4.35 9.22 -9.84
C CYS B 328 -5.37 8.19 -10.30
N LEU B 329 -5.80 8.33 -11.55
CA LEU B 329 -6.59 7.31 -12.22
C LEU B 329 -6.33 7.39 -13.71
N GLY B 330 -6.62 6.29 -14.42
CA GLY B 330 -6.40 6.25 -15.84
C GLY B 330 -7.46 5.42 -16.53
N VAL B 331 -7.62 5.68 -17.82
CA VAL B 331 -8.57 4.97 -18.68
C VAL B 331 -7.79 4.35 -19.83
N THR B 332 -8.09 3.09 -20.12
CA THR B 332 -7.41 2.38 -21.19
C THR B 332 -7.72 3.03 -22.54
N ASP B 333 -6.91 2.66 -23.54
CA ASP B 333 -7.10 3.24 -24.88
C ASP B 333 -8.45 2.85 -25.45
N ASP B 334 -8.88 1.61 -25.24
CA ASP B 334 -10.19 1.15 -25.70
C ASP B 334 -11.30 1.46 -24.70
N GLY B 335 -10.97 2.04 -23.55
CA GLY B 335 -11.98 2.36 -22.56
C GLY B 335 -12.62 1.17 -21.89
N MET B 336 -11.96 0.01 -21.93
CA MET B 336 -12.56 -1.19 -21.36
C MET B 336 -12.75 -1.07 -19.85
N ALA B 337 -11.76 -0.52 -19.16
CA ALA B 337 -11.81 -0.41 -17.71
C ALA B 337 -11.05 0.82 -17.27
N VAL B 338 -11.29 1.22 -16.01
CA VAL B 338 -10.66 2.39 -15.41
C VAL B 338 -9.86 1.93 -14.21
N ALA B 339 -8.58 2.29 -14.17
CA ALA B 339 -7.69 1.94 -13.08
C ALA B 339 -7.41 3.18 -12.25
N THR B 340 -7.54 3.06 -10.93
CA THR B 340 -7.35 4.18 -10.02
C THR B 340 -6.44 3.77 -8.88
N GLY B 341 -5.65 4.71 -8.40
CA GLY B 341 -4.75 4.48 -7.30
C GLY B 341 -4.79 5.61 -6.29
N SER B 342 -4.61 5.25 -5.03
CA SER B 342 -4.72 6.20 -3.93
C SER B 342 -3.54 5.99 -2.99
N TRP B 343 -3.60 6.64 -1.83
CA TRP B 343 -2.52 6.57 -0.85
C TRP B 343 -2.57 5.31 0.01
N ASP B 344 -3.61 4.49 -0.14
CA ASP B 344 -3.72 3.24 0.60
C ASP B 344 -2.89 2.11 0.00
N SER B 345 -1.99 2.43 -0.94
CA SER B 345 -1.17 1.44 -1.64
C SER B 345 -2.02 0.43 -2.41
N PHE B 346 -3.26 0.79 -2.73
CA PHE B 346 -4.21 -0.10 -3.39
C PHE B 346 -4.60 0.48 -4.73
N LEU B 347 -4.86 -0.41 -5.69
CA LEU B 347 -5.39 -0.05 -6.99
C LEU B 347 -6.68 -0.79 -7.24
N LYS B 348 -7.66 -0.10 -7.81
CA LYS B 348 -8.97 -0.67 -8.09
C LYS B 348 -9.30 -0.49 -9.56
N ILE B 349 -10.04 -1.46 -10.11
CA ILE B 349 -10.45 -1.47 -11.50
C ILE B 349 -11.95 -1.30 -11.55
N TRP B 350 -12.41 -0.23 -12.21
CA TRP B 350 -13.83 0.08 -12.30
C TRP B 350 -14.25 0.05 -13.76
N ASN B 351 -15.34 -0.66 -14.06
CA ASN B 351 -15.87 -0.72 -15.42
C ASN B 351 -17.36 -1.06 -15.44
N SER C 8 13.30 42.30 -15.89
CA SER C 8 13.53 43.70 -16.18
C SER C 8 12.90 44.11 -17.51
N ILE C 9 13.67 43.97 -18.59
CA ILE C 9 13.22 44.31 -19.92
C ILE C 9 12.89 43.07 -20.74
N ALA C 10 13.76 42.06 -20.70
CA ALA C 10 13.53 40.84 -21.44
C ALA C 10 12.30 40.10 -20.91
N GLN C 11 12.12 40.08 -19.59
CA GLN C 11 11.00 39.37 -19.00
C GLN C 11 9.65 39.99 -19.37
N ALA C 12 9.64 41.29 -19.71
CA ALA C 12 8.42 41.98 -20.06
C ALA C 12 8.18 42.06 -21.56
N ARG C 13 9.23 42.33 -22.35
CA ARG C 13 9.07 42.40 -23.80
C ARG C 13 8.69 41.04 -24.38
N LYS C 14 9.30 39.96 -23.88
CA LYS C 14 8.97 38.62 -24.36
C LYS C 14 7.52 38.28 -24.05
N LEU C 15 7.05 38.64 -22.85
CA LEU C 15 5.66 38.39 -22.49
C LEU C 15 4.71 39.14 -23.41
N VAL C 16 5.03 40.40 -23.72
CA VAL C 16 4.18 41.19 -24.62
C VAL C 16 4.16 40.58 -26.02
N GLU C 17 5.32 40.16 -26.51
CA GLU C 17 5.37 39.55 -27.84
C GLU C 17 4.57 38.25 -27.88
N GLN C 18 4.71 37.41 -26.84
CA GLN C 18 3.95 36.16 -26.80
C GLN C 18 2.45 36.43 -26.73
N LEU C 19 2.05 37.42 -25.92
CA LEU C 19 0.63 37.76 -25.83
C LEU C 19 0.08 38.26 -27.16
N LYS C 20 0.85 39.10 -27.87
CA LYS C 20 0.39 39.60 -29.15
C LYS C 20 0.32 38.48 -30.18
N MET C 21 1.25 37.53 -30.14
CA MET C 21 1.20 36.40 -31.06
C MET C 21 -0.01 35.51 -30.77
N GLU C 22 -0.31 35.30 -29.49
CA GLU C 22 -1.49 34.53 -29.12
C GLU C 22 -2.77 35.24 -29.57
N ALA C 23 -2.83 36.56 -29.39
CA ALA C 23 -4.01 37.31 -29.79
C ALA C 23 -4.18 37.34 -31.31
N ASN C 24 -3.08 37.31 -32.06
CA ASN C 24 -3.16 37.34 -33.51
C ASN C 24 -3.74 36.07 -34.11
N ILE C 25 -3.87 34.99 -33.32
CA ILE C 25 -4.41 33.75 -33.85
C ILE C 25 -5.92 33.89 -34.09
N ASP C 26 -6.44 33.02 -34.95
CA ASP C 26 -7.85 33.06 -35.30
C ASP C 26 -8.70 32.44 -34.19
N ARG C 27 -10.00 32.74 -34.25
CA ARG C 27 -10.95 32.25 -33.27
C ARG C 27 -12.13 31.60 -33.99
N ILE C 28 -12.73 30.60 -33.34
CA ILE C 28 -13.87 29.87 -33.88
C ILE C 28 -15.01 29.97 -32.88
N LYS C 29 -16.23 30.13 -33.38
CA LYS C 29 -17.39 30.33 -32.54
C LYS C 29 -17.60 29.14 -31.60
N VAL C 30 -18.08 29.44 -30.39
CA VAL C 30 -18.29 28.41 -29.38
C VAL C 30 -19.37 27.43 -29.81
N SER C 31 -20.35 27.89 -30.59
CA SER C 31 -21.40 27.00 -31.07
C SER C 31 -20.84 25.90 -31.95
N LYS C 32 -19.91 26.26 -32.85
CA LYS C 32 -19.31 25.26 -33.72
C LYS C 32 -18.50 24.24 -32.92
N ALA C 33 -17.73 24.70 -31.94
CA ALA C 33 -16.94 23.79 -31.13
C ALA C 33 -17.84 22.87 -30.31
N ALA C 34 -18.92 23.41 -29.75
CA ALA C 34 -19.86 22.58 -29.00
C ALA C 34 -20.51 21.54 -29.90
N ALA C 35 -20.90 21.94 -31.11
CA ALA C 35 -21.49 20.99 -32.05
C ALA C 35 -20.50 19.90 -32.43
N ASP C 36 -19.24 20.27 -32.66
CA ASP C 36 -18.22 19.27 -32.98
C ASP C 36 -18.01 18.29 -31.83
N LEU C 37 -17.95 18.81 -30.61
CA LEU C 37 -17.78 17.93 -29.45
C LEU C 37 -18.97 17.00 -29.29
N MET C 38 -20.19 17.52 -29.47
CA MET C 38 -21.37 16.68 -29.38
C MET C 38 -21.39 15.61 -30.45
N ALA C 39 -20.99 15.97 -31.68
CA ALA C 39 -20.95 14.99 -32.77
C ALA C 39 -19.91 13.91 -32.49
N TYR C 40 -18.75 14.31 -31.97
CA TYR C 40 -17.72 13.31 -31.63
C TYR C 40 -18.20 12.39 -30.52
N CYS C 41 -18.86 12.94 -29.51
CA CYS C 41 -19.38 12.11 -28.42
C CYS C 41 -20.45 11.15 -28.91
N GLU C 42 -21.34 11.60 -29.78
CA GLU C 42 -22.41 10.75 -30.27
C GLU C 42 -21.90 9.67 -31.21
N ALA C 43 -20.92 10.01 -32.07
CA ALA C 43 -20.40 9.05 -33.02
C ALA C 43 -19.71 7.88 -32.32
N HIS C 44 -18.94 8.17 -31.28
CA HIS C 44 -18.20 7.17 -30.55
C HIS C 44 -18.92 6.71 -29.28
N ALA C 45 -20.19 7.08 -29.12
CA ALA C 45 -20.93 6.67 -27.93
C ALA C 45 -21.08 5.15 -27.88
N LYS C 46 -21.36 4.51 -29.01
CA LYS C 46 -21.51 3.07 -29.05
C LYS C 46 -20.21 2.34 -28.77
N GLU C 47 -19.07 3.01 -28.93
CA GLU C 47 -17.77 2.40 -28.71
C GLU C 47 -17.17 2.74 -27.35
N ASP C 48 -17.96 3.32 -26.45
CA ASP C 48 -17.47 3.68 -25.12
C ASP C 48 -18.01 2.70 -24.09
N PRO C 49 -17.18 1.80 -23.56
CA PRO C 49 -17.67 0.88 -22.53
C PRO C 49 -18.10 1.55 -21.25
N LEU C 50 -17.61 2.76 -20.96
CA LEU C 50 -18.01 3.46 -19.75
C LEU C 50 -19.46 3.92 -19.84
N LEU C 51 -19.83 4.54 -20.97
CA LEU C 51 -21.21 5.00 -21.14
C LEU C 51 -22.15 3.82 -21.39
N THR C 52 -21.75 2.89 -22.25
CA THR C 52 -22.57 1.73 -22.57
C THR C 52 -21.98 0.49 -21.92
N PRO C 53 -22.68 -0.15 -20.99
CA PRO C 53 -22.09 -1.31 -20.30
C PRO C 53 -21.77 -2.44 -21.26
N VAL C 54 -20.66 -3.12 -20.99
CA VAL C 54 -20.19 -4.23 -21.82
C VAL C 54 -20.67 -5.54 -21.20
N PRO C 55 -21.17 -6.49 -22.00
CA PRO C 55 -21.59 -7.78 -21.44
C PRO C 55 -20.41 -8.53 -20.83
N ALA C 56 -20.72 -9.34 -19.82
CA ALA C 56 -19.67 -10.05 -19.09
C ALA C 56 -18.92 -11.01 -19.99
N SER C 57 -19.59 -11.57 -21.01
CA SER C 57 -18.91 -12.45 -21.94
C SER C 57 -17.83 -11.70 -22.72
N GLU C 58 -18.13 -10.47 -23.14
CA GLU C 58 -17.18 -9.64 -23.88
C GLU C 58 -16.33 -8.75 -22.98
N ASN C 59 -16.48 -8.85 -21.66
CA ASN C 59 -15.72 -8.03 -20.75
C ASN C 59 -14.48 -8.80 -20.28
N PRO C 60 -13.27 -8.38 -20.66
CA PRO C 60 -12.07 -9.10 -20.20
C PRO C 60 -11.86 -9.02 -18.69
N PHE C 61 -12.42 -8.01 -18.02
CA PHE C 61 -12.23 -7.84 -16.59
C PHE C 61 -13.31 -8.51 -15.76
N ARG C 62 -14.25 -9.20 -16.39
CA ARG C 62 -15.31 -9.88 -15.66
C ARG C 62 -14.74 -11.02 -14.84
N GLU C 63 -15.24 -11.16 -13.61
CA GLU C 63 -14.79 -12.21 -12.70
C GLU C 63 -15.43 -13.55 -13.06
N VAL D 39 26.05 -12.46 -22.38
CA VAL D 39 25.05 -13.52 -22.23
C VAL D 39 25.58 -14.83 -22.80
N GLN D 40 26.10 -15.68 -21.93
CA GLN D 40 26.66 -16.97 -22.32
C GLN D 40 26.17 -18.05 -21.37
N LEU D 41 26.04 -19.26 -21.91
CA LEU D 41 25.65 -20.44 -21.14
C LEU D 41 26.68 -21.53 -21.45
N VAL D 42 27.67 -21.67 -20.58
CA VAL D 42 28.78 -22.62 -20.79
C VAL D 42 28.49 -23.87 -19.97
N GLU D 43 28.31 -24.99 -20.64
CA GLU D 43 28.00 -26.24 -19.99
C GLU D 43 29.22 -27.17 -19.98
N SER D 44 29.32 -27.98 -18.94
CA SER D 44 30.42 -28.92 -18.81
C SER D 44 29.98 -30.10 -17.96
N GLY D 45 30.77 -31.17 -18.01
CA GLY D 45 30.48 -32.37 -17.25
C GLY D 45 30.08 -33.58 -18.06
N GLY D 46 30.07 -33.48 -19.39
CA GLY D 46 29.74 -34.60 -20.25
C GLY D 46 30.93 -35.47 -20.56
N GLY D 47 30.72 -36.41 -21.48
CA GLY D 47 31.75 -37.32 -21.93
C GLY D 47 31.23 -38.74 -21.95
N LEU D 48 32.16 -39.69 -21.82
CA LEU D 48 31.83 -41.11 -21.81
C LEU D 48 31.68 -41.58 -20.37
N VAL D 49 30.51 -42.14 -20.05
CA VAL D 49 30.21 -42.62 -18.71
C VAL D 49 29.67 -44.03 -18.82
N GLN D 50 30.17 -44.93 -17.97
CA GLN D 50 29.67 -46.30 -17.96
C GLN D 50 28.20 -46.33 -17.52
N PRO D 51 27.40 -47.23 -18.08
CA PRO D 51 25.98 -47.28 -17.72
C PRO D 51 25.78 -47.62 -16.25
N GLY D 52 24.74 -47.04 -15.68
CA GLY D 52 24.42 -47.24 -14.28
C GLY D 52 25.18 -46.36 -13.31
N GLY D 53 26.04 -45.47 -13.81
CA GLY D 53 26.83 -44.61 -12.95
C GLY D 53 26.12 -43.32 -12.61
N SER D 54 26.90 -42.38 -12.08
CA SER D 54 26.40 -41.07 -11.69
C SER D 54 27.26 -39.99 -12.32
N ARG D 55 26.62 -38.92 -12.80
CA ARG D 55 27.34 -37.83 -13.43
C ARG D 55 26.60 -36.52 -13.16
N LYS D 56 27.38 -35.45 -12.94
CA LYS D 56 26.83 -34.13 -12.67
C LYS D 56 27.26 -33.18 -13.79
N LEU D 57 26.28 -32.51 -14.39
CA LEU D 57 26.53 -31.51 -15.42
C LEU D 57 26.32 -30.14 -14.84
N SER D 58 27.31 -29.26 -15.03
CA SER D 58 27.29 -27.90 -14.49
C SER D 58 27.21 -26.90 -15.63
N CYS D 59 26.23 -26.00 -15.56
CA CYS D 59 26.05 -24.94 -16.53
C CYS D 59 26.25 -23.59 -15.85
N SER D 60 27.17 -22.79 -16.38
CA SER D 60 27.46 -21.47 -15.88
C SER D 60 26.81 -20.43 -16.78
N ALA D 61 26.03 -19.53 -16.18
CA ALA D 61 25.30 -18.50 -16.90
C ALA D 61 25.93 -17.14 -16.62
N SER D 62 26.15 -16.37 -17.67
CA SER D 62 26.76 -15.04 -17.54
C SER D 62 26.01 -14.06 -18.43
N GLY D 63 26.09 -12.78 -18.06
CA GLY D 63 25.52 -11.71 -18.86
C GLY D 63 24.03 -11.49 -18.65
N PHE D 64 23.38 -12.24 -17.78
CA PHE D 64 21.96 -12.03 -17.53
C PHE D 64 21.62 -12.50 -16.12
N ALA D 65 20.46 -12.07 -15.64
CA ALA D 65 20.00 -12.39 -14.29
C ALA D 65 19.61 -13.86 -14.24
N PHE D 66 20.51 -14.69 -13.71
CA PHE D 66 20.24 -16.12 -13.62
C PHE D 66 19.19 -16.41 -12.55
N SER D 67 19.18 -15.64 -11.47
CA SER D 67 18.23 -15.88 -10.38
C SER D 67 16.80 -15.66 -10.83
N SER D 68 16.56 -14.64 -11.66
CA SER D 68 15.22 -14.31 -12.10
C SER D 68 14.76 -15.13 -13.30
N PHE D 69 15.60 -16.02 -13.82
CA PHE D 69 15.28 -16.80 -15.01
C PHE D 69 15.14 -18.27 -14.65
N GLY D 70 14.01 -18.86 -15.02
CA GLY D 70 13.86 -20.30 -14.89
C GLY D 70 14.73 -21.05 -15.89
N MET D 71 15.09 -22.27 -15.54
CA MET D 71 16.01 -23.06 -16.35
C MET D 71 15.34 -24.35 -16.81
N HIS D 72 15.73 -24.80 -18.00
CA HIS D 72 15.25 -26.05 -18.55
C HIS D 72 16.43 -26.85 -19.09
N TRP D 73 16.47 -28.13 -18.73
CA TRP D 73 17.44 -29.07 -19.27
C TRP D 73 16.73 -29.95 -20.29
N VAL D 74 17.29 -30.05 -21.49
CA VAL D 74 16.73 -30.86 -22.55
C VAL D 74 17.84 -31.70 -23.16
N ARG D 75 17.44 -32.74 -23.90
CA ARG D 75 18.38 -33.64 -24.54
C ARG D 75 17.97 -33.85 -26.00
N GLN D 76 18.97 -34.09 -26.85
CA GLN D 76 18.75 -34.40 -28.26
C GLN D 76 19.53 -35.65 -28.61
N ALA D 77 18.83 -36.66 -29.13
CA ALA D 77 19.48 -37.89 -29.53
C ALA D 77 20.31 -37.66 -30.79
N PRO D 78 21.38 -38.42 -30.98
CA PRO D 78 22.19 -38.26 -32.20
C PRO D 78 21.42 -38.50 -33.48
N GLU D 79 20.45 -39.41 -33.47
CA GLU D 79 19.67 -39.71 -34.66
C GLU D 79 18.24 -39.18 -34.60
N LYS D 80 17.69 -38.96 -33.41
CA LYS D 80 16.34 -38.46 -33.25
C LYS D 80 16.38 -36.96 -32.94
N GLY D 81 15.21 -36.39 -32.65
CA GLY D 81 15.10 -34.98 -32.34
C GLY D 81 15.34 -34.69 -30.87
N LEU D 82 15.06 -33.45 -30.49
CA LEU D 82 15.24 -33.03 -29.11
C LEU D 82 14.17 -33.64 -28.22
N GLU D 83 14.47 -33.67 -26.91
CA GLU D 83 13.55 -34.23 -25.92
C GLU D 83 13.73 -33.48 -24.61
N TRP D 84 12.62 -33.11 -23.99
CA TRP D 84 12.66 -32.39 -22.73
C TRP D 84 13.07 -33.32 -21.60
N VAL D 85 13.84 -32.79 -20.65
CA VAL D 85 14.34 -33.60 -19.54
C VAL D 85 13.78 -33.08 -18.22
N ALA D 86 14.07 -31.81 -17.90
CA ALA D 86 13.66 -31.28 -16.60
C ALA D 86 13.52 -29.77 -16.68
N TYR D 87 12.84 -29.22 -15.67
CA TYR D 87 12.66 -27.78 -15.57
C TYR D 87 12.69 -27.38 -14.10
N ILE D 88 13.35 -26.26 -13.81
CA ILE D 88 13.41 -25.68 -12.48
C ILE D 88 13.01 -24.22 -12.58
N SER D 89 12.21 -23.75 -11.62
CA SER D 89 11.72 -22.39 -11.63
C SER D 89 12.83 -21.41 -11.26
N SER D 90 12.55 -20.13 -11.47
CA SER D 90 13.53 -19.09 -11.16
C SER D 90 13.85 -19.06 -9.67
N GLY D 91 12.84 -19.18 -8.82
CA GLY D 91 13.00 -19.21 -7.38
C GLY D 91 13.16 -20.60 -6.79
N SER D 92 13.36 -21.62 -7.63
CA SER D 92 13.49 -23.00 -7.17
C SER D 92 12.25 -23.45 -6.39
N GLY D 93 11.09 -22.97 -6.81
CA GLY D 93 9.85 -23.32 -6.16
C GLY D 93 9.14 -24.50 -6.81
N THR D 94 8.99 -24.45 -8.13
CA THR D 94 8.33 -25.50 -8.88
C THR D 94 9.37 -26.22 -9.73
N ILE D 95 9.47 -27.54 -9.56
CA ILE D 95 10.41 -28.37 -10.30
C ILE D 95 9.62 -29.47 -10.99
N TYR D 96 9.85 -29.63 -12.29
CA TYR D 96 9.13 -30.62 -13.09
C TYR D 96 10.11 -31.50 -13.84
N TYR D 97 9.69 -32.73 -14.12
CA TYR D 97 10.52 -33.72 -14.77
C TYR D 97 9.75 -34.40 -15.89
N ALA D 98 10.49 -34.92 -16.86
CA ALA D 98 9.86 -35.72 -17.90
C ALA D 98 9.45 -37.08 -17.35
N ASP D 99 8.47 -37.69 -18.03
CA ASP D 99 7.95 -38.98 -17.58
C ASP D 99 9.02 -40.06 -17.63
N THR D 100 9.88 -40.03 -18.64
CA THR D 100 10.92 -41.04 -18.79
C THR D 100 12.03 -40.91 -17.76
N VAL D 101 12.22 -39.73 -17.18
CA VAL D 101 13.32 -39.50 -16.24
C VAL D 101 12.79 -38.94 -14.93
N LYS D 102 11.54 -39.26 -14.60
CA LYS D 102 10.94 -38.75 -13.38
C LYS D 102 11.55 -39.41 -12.16
N GLY D 103 11.95 -38.61 -11.18
CA GLY D 103 12.51 -39.12 -9.95
C GLY D 103 13.96 -39.52 -10.08
N ARG D 104 14.34 -40.02 -11.25
CA ARG D 104 15.71 -40.48 -11.47
C ARG D 104 16.70 -39.33 -11.37
N PHE D 105 16.37 -38.18 -11.96
CA PHE D 105 17.30 -37.06 -12.08
C PHE D 105 17.08 -36.06 -10.95
N THR D 106 18.10 -35.23 -10.73
CA THR D 106 18.05 -34.15 -9.77
C THR D 106 18.54 -32.87 -10.42
N ILE D 107 17.86 -31.76 -10.16
CA ILE D 107 18.22 -30.47 -10.71
C ILE D 107 18.24 -29.43 -9.59
N SER D 108 19.28 -28.61 -9.56
CA SER D 108 19.40 -27.59 -8.54
C SER D 108 20.09 -26.36 -9.13
N ARG D 109 19.91 -25.23 -8.48
CA ARG D 109 20.52 -23.97 -8.92
C ARG D 109 21.19 -23.29 -7.74
N ASP D 110 22.28 -22.58 -8.03
CA ASP D 110 23.03 -21.81 -7.04
C ASP D 110 23.15 -20.39 -7.58
N ASP D 111 22.26 -19.51 -7.13
CA ASP D 111 22.31 -18.11 -7.54
C ASP D 111 23.58 -17.41 -7.08
N PRO D 112 24.01 -17.50 -5.82
CA PRO D 112 25.28 -16.85 -5.45
C PRO D 112 26.47 -17.34 -6.26
N LYS D 113 26.51 -18.63 -6.58
CA LYS D 113 27.52 -19.17 -7.48
C LYS D 113 27.10 -19.08 -8.94
N ASN D 114 25.82 -18.84 -9.21
CA ASN D 114 25.28 -18.72 -10.56
C ASN D 114 25.64 -19.96 -11.39
N THR D 115 25.18 -21.12 -10.91
CA THR D 115 25.47 -22.38 -11.58
C THR D 115 24.29 -23.32 -11.46
N LEU D 116 23.97 -23.99 -12.56
CA LEU D 116 22.89 -24.98 -12.60
C LEU D 116 23.51 -26.37 -12.62
N PHE D 117 23.13 -27.20 -11.65
CA PHE D 117 23.68 -28.54 -11.50
C PHE D 117 22.60 -29.57 -11.77
N LEU D 118 22.88 -30.48 -12.71
CA LEU D 118 21.98 -31.58 -13.04
C LEU D 118 22.70 -32.89 -12.77
N GLN D 119 22.24 -33.63 -11.76
CA GLN D 119 22.82 -34.91 -11.39
C GLN D 119 21.95 -36.04 -11.91
N MET D 120 22.57 -36.95 -12.66
CA MET D 120 21.89 -38.10 -13.24
C MET D 120 22.53 -39.37 -12.72
N THR D 121 21.70 -40.29 -12.24
CA THR D 121 22.17 -41.55 -11.67
C THR D 121 21.44 -42.72 -12.31
N SER D 122 22.16 -43.83 -12.45
CA SER D 122 21.60 -45.08 -12.99
C SER D 122 20.99 -44.87 -14.37
N LEU D 123 21.65 -44.07 -15.20
CA LEU D 123 21.21 -43.86 -16.57
C LEU D 123 21.51 -45.09 -17.41
N ARG D 124 20.60 -45.41 -18.34
CA ARG D 124 20.73 -46.58 -19.18
C ARG D 124 21.31 -46.18 -20.54
N SER D 125 21.33 -47.14 -21.48
CA SER D 125 21.91 -46.90 -22.80
C SER D 125 21.09 -45.95 -23.65
N GLU D 126 19.83 -45.71 -23.29
CA GLU D 126 18.99 -44.79 -24.05
C GLU D 126 19.17 -43.34 -23.63
N ASP D 127 20.00 -43.06 -22.64
CA ASP D 127 20.19 -41.72 -22.13
C ASP D 127 21.32 -40.97 -22.82
N THR D 128 22.07 -41.62 -23.70
CA THR D 128 23.16 -40.93 -24.41
C THR D 128 22.58 -39.93 -25.40
N ALA D 129 23.02 -38.68 -25.30
CA ALA D 129 22.46 -37.59 -26.10
C ALA D 129 23.32 -36.36 -25.88
N MET D 130 22.98 -35.28 -26.60
CA MET D 130 23.60 -33.99 -26.40
C MET D 130 22.65 -33.12 -25.59
N TYR D 131 23.11 -32.62 -24.45
CA TYR D 131 22.26 -31.95 -23.49
C TYR D 131 22.41 -30.43 -23.62
N TYR D 132 21.27 -29.74 -23.57
CA TYR D 132 21.19 -28.30 -23.73
C TYR D 132 20.50 -27.69 -22.52
N CYS D 133 20.90 -26.46 -22.20
CA CYS D 133 20.27 -25.67 -21.15
C CYS D 133 19.66 -24.41 -21.74
N VAL D 134 18.39 -24.19 -21.43
CA VAL D 134 17.62 -23.08 -21.98
C VAL D 134 17.11 -22.21 -20.83
N ARG D 135 17.33 -20.91 -20.90
CA ARG D 135 16.77 -19.99 -19.93
C ARG D 135 15.45 -19.42 -20.43
N SER D 136 14.47 -19.34 -19.54
CA SER D 136 13.15 -18.86 -19.89
C SER D 136 12.58 -18.03 -18.76
N ILE D 137 11.88 -16.96 -19.12
CA ILE D 137 11.19 -16.10 -18.17
C ILE D 137 9.73 -16.02 -18.59
N TYR D 138 8.82 -16.04 -17.62
CA TYR D 138 7.39 -16.15 -17.87
C TYR D 138 6.66 -14.93 -17.35
N TYR D 139 6.22 -14.08 -18.27
CA TYR D 139 5.34 -12.96 -17.96
C TYR D 139 4.66 -12.53 -19.25
N TYR D 140 3.76 -11.55 -19.16
CA TYR D 140 3.06 -11.07 -20.34
C TYR D 140 4.03 -10.36 -21.27
N GLY D 141 4.07 -10.79 -22.52
CA GLY D 141 5.00 -10.24 -23.48
C GLY D 141 6.43 -10.73 -23.36
N SER D 142 6.66 -11.79 -22.59
CA SER D 142 8.00 -12.30 -22.37
C SER D 142 8.46 -13.12 -23.58
N SER D 143 9.72 -13.55 -23.53
CA SER D 143 10.33 -14.35 -24.58
C SER D 143 10.96 -15.60 -23.96
N PRO D 144 10.16 -16.57 -23.55
CA PRO D 144 10.72 -17.79 -22.97
C PRO D 144 11.51 -18.58 -24.00
N PHE D 145 12.50 -19.32 -23.51
CA PHE D 145 13.38 -20.14 -24.35
C PHE D 145 14.10 -19.28 -25.39
N ASP D 146 14.45 -18.05 -25.00
CA ASP D 146 15.10 -17.14 -25.94
C ASP D 146 16.56 -17.51 -26.19
N PHE D 147 17.27 -17.97 -25.18
CA PHE D 147 18.68 -18.33 -25.30
C PHE D 147 18.83 -19.83 -25.09
N TRP D 148 19.83 -20.41 -25.75
CA TRP D 148 20.05 -21.84 -25.75
C TRP D 148 21.53 -22.11 -25.48
N GLY D 149 21.81 -23.03 -24.58
CA GLY D 149 23.19 -23.32 -24.21
C GLY D 149 23.94 -24.06 -25.30
N GLN D 150 25.27 -24.04 -25.17
CA GLN D 150 26.11 -24.77 -26.11
C GLN D 150 25.86 -26.27 -26.06
N GLY D 151 25.70 -26.80 -24.85
CA GLY D 151 25.39 -28.21 -24.67
C GLY D 151 26.63 -29.08 -24.57
N THR D 152 26.44 -30.25 -23.96
CA THR D 152 27.52 -31.22 -23.78
C THR D 152 27.06 -32.59 -24.23
N THR D 153 27.96 -33.31 -24.91
CA THR D 153 27.66 -34.67 -25.30
C THR D 153 27.80 -35.62 -24.11
N LEU D 154 26.98 -36.66 -24.09
CA LEU D 154 27.00 -37.65 -23.03
C LEU D 154 26.74 -39.01 -23.66
N THR D 155 27.76 -39.87 -23.64
CA THR D 155 27.68 -41.19 -24.25
C THR D 155 27.87 -42.26 -23.19
N VAL D 156 27.27 -43.43 -23.45
CA VAL D 156 27.34 -44.57 -22.55
C VAL D 156 27.71 -45.81 -23.36
N SER D 157 28.54 -46.66 -22.78
CA SER D 157 28.94 -47.89 -23.45
C SER D 157 27.76 -48.85 -23.57
N ALA D 158 27.65 -49.50 -24.71
CA ALA D 158 26.56 -50.43 -24.97
C ALA D 158 26.76 -51.72 -24.16
N SER D 173 0.66 -42.40 -20.59
CA SER D 173 0.51 -41.47 -21.71
C SER D 173 0.21 -40.06 -21.21
N ALA D 174 -1.03 -39.60 -21.42
CA ALA D 174 -1.47 -38.27 -21.02
C ALA D 174 -0.56 -37.18 -21.61
N ASP D 175 -0.14 -37.39 -22.85
CA ASP D 175 0.72 -36.44 -23.54
C ASP D 175 0.21 -36.26 -24.97
N ILE D 176 0.54 -35.11 -25.55
CA ILE D 176 0.12 -34.76 -26.90
C ILE D 176 1.31 -34.90 -27.83
N VAL D 177 1.12 -35.59 -28.95
CA VAL D 177 2.17 -35.88 -29.91
C VAL D 177 2.00 -34.96 -31.11
N MET D 178 3.09 -34.31 -31.51
CA MET D 178 3.07 -33.40 -32.66
C MET D 178 3.28 -34.20 -33.93
N THR D 179 2.21 -34.39 -34.69
CA THR D 179 2.25 -35.17 -35.94
C THR D 179 2.73 -34.25 -37.06
N GLN D 180 4.04 -34.17 -37.19
CA GLN D 180 4.64 -33.37 -38.25
C GLN D 180 4.33 -34.00 -39.62
N ALA D 181 4.03 -33.14 -40.60
CA ALA D 181 3.64 -33.62 -41.91
C ALA D 181 4.78 -34.37 -42.60
N THR D 182 5.99 -33.85 -42.50
CA THR D 182 7.14 -34.45 -43.17
C THR D 182 8.40 -34.22 -42.35
N SER D 183 9.42 -35.01 -42.66
CA SER D 183 10.70 -34.93 -41.96
C SER D 183 11.76 -34.16 -42.74
N SER D 184 11.55 -33.91 -44.03
CA SER D 184 12.50 -33.16 -44.83
C SER D 184 11.77 -32.52 -46.01
N VAL D 185 12.36 -31.45 -46.54
CA VAL D 185 11.80 -30.74 -47.68
C VAL D 185 12.90 -29.94 -48.36
N PRO D 186 13.05 -30.04 -49.67
CA PRO D 186 14.07 -29.24 -50.36
C PRO D 186 13.63 -27.78 -50.51
N VAL D 187 14.60 -26.88 -50.37
CA VAL D 187 14.36 -25.44 -50.48
C VAL D 187 15.42 -24.83 -51.38
N THR D 188 15.09 -23.66 -51.91
CA THR D 188 16.00 -22.90 -52.75
C THR D 188 16.01 -21.44 -52.31
N PRO D 189 17.14 -20.76 -52.42
CA PRO D 189 17.19 -19.35 -52.05
C PRO D 189 16.27 -18.51 -52.91
N GLY D 190 15.71 -17.46 -52.31
CA GLY D 190 14.80 -16.57 -53.00
C GLY D 190 13.38 -17.07 -53.11
N GLU D 191 13.04 -18.18 -52.47
CA GLU D 191 11.70 -18.76 -52.53
C GLU D 191 11.12 -18.86 -51.13
N SER D 192 9.80 -18.82 -51.05
CA SER D 192 9.08 -18.91 -49.79
C SER D 192 8.68 -20.36 -49.53
N VAL D 193 8.99 -20.84 -48.33
CA VAL D 193 8.72 -22.22 -47.95
C VAL D 193 7.79 -22.20 -46.73
N SER D 194 6.74 -23.01 -46.77
CA SER D 194 5.79 -23.13 -45.69
C SER D 194 5.80 -24.56 -45.16
N ILE D 195 6.00 -24.70 -43.85
CA ILE D 195 5.98 -25.99 -43.19
C ILE D 195 4.73 -26.07 -42.32
N SER D 196 4.27 -27.30 -42.09
CA SER D 196 3.03 -27.54 -41.37
C SER D 196 3.26 -28.52 -40.23
N CYS D 197 2.49 -28.34 -39.16
CA CYS D 197 2.54 -29.20 -37.99
C CYS D 197 1.13 -29.38 -37.44
N ARG D 198 0.94 -30.47 -36.71
CA ARG D 198 -0.36 -30.79 -36.13
C ARG D 198 -0.18 -31.22 -34.68
N SER D 199 -1.22 -31.00 -33.88
CA SER D 199 -1.24 -31.39 -32.48
C SER D 199 -2.49 -32.19 -32.19
N SER D 200 -2.36 -33.20 -31.33
CA SER D 200 -3.49 -34.05 -31.00
C SER D 200 -4.56 -33.31 -30.19
N LYS D 201 -4.18 -32.23 -29.51
CA LYS D 201 -5.12 -31.44 -28.73
C LYS D 201 -4.99 -29.97 -29.12
N SER D 202 -6.13 -29.28 -29.19
CA SER D 202 -6.13 -27.87 -29.53
C SER D 202 -5.38 -27.07 -28.46
N LEU D 203 -4.51 -26.18 -28.92
CA LEU D 203 -3.70 -25.37 -28.02
C LEU D 203 -4.33 -24.01 -27.71
N LEU D 204 -5.54 -23.76 -28.19
CA LEU D 204 -6.24 -22.50 -27.92
C LEU D 204 -6.66 -22.48 -26.46
N HIS D 205 -5.89 -21.77 -25.63
CA HIS D 205 -6.18 -21.68 -24.21
C HIS D 205 -7.37 -20.75 -23.96
N SER D 206 -7.88 -20.81 -22.73
CA SER D 206 -9.04 -20.01 -22.36
C SER D 206 -8.73 -18.51 -22.34
N ASN D 207 -7.46 -18.14 -22.23
CA ASN D 207 -7.06 -16.74 -22.20
C ASN D 207 -6.83 -16.16 -23.60
N GLY D 208 -7.05 -16.93 -24.64
CA GLY D 208 -6.87 -16.47 -26.00
C GLY D 208 -5.46 -16.56 -26.53
N ASN D 209 -4.53 -17.15 -25.78
CA ASN D 209 -3.15 -17.31 -26.19
C ASN D 209 -2.90 -18.75 -26.59
N THR D 210 -2.37 -18.96 -27.79
CA THR D 210 -2.01 -20.29 -28.27
C THR D 210 -0.53 -20.53 -27.99
N TYR D 211 -0.23 -21.67 -27.36
CA TYR D 211 1.12 -21.95 -26.84
C TYR D 211 1.81 -22.90 -27.81
N LEU D 212 2.44 -22.33 -28.83
CA LEU D 212 3.29 -23.09 -29.75
C LEU D 212 4.50 -22.26 -30.11
N TYR D 213 5.67 -22.87 -30.06
CA TYR D 213 6.94 -22.19 -30.32
C TYR D 213 7.65 -22.87 -31.48
N TRP D 214 8.40 -22.09 -32.25
CA TRP D 214 9.19 -22.59 -33.36
C TRP D 214 10.67 -22.37 -33.07
N PHE D 215 11.48 -23.36 -33.41
CA PHE D 215 12.91 -23.34 -33.11
C PHE D 215 13.71 -23.68 -34.35
N LEU D 216 14.75 -22.89 -34.62
CA LEU D 216 15.68 -23.13 -35.70
C LEU D 216 16.97 -23.69 -35.12
N GLN D 217 17.40 -24.84 -35.64
CA GLN D 217 18.65 -25.49 -35.21
C GLN D 217 19.56 -25.60 -36.42
N ARG D 218 20.55 -24.72 -36.49
CA ARG D 218 21.54 -24.80 -37.56
C ARG D 218 22.45 -26.02 -37.34
N PRO D 219 22.98 -26.59 -38.41
CA PRO D 219 23.88 -27.75 -38.25
C PRO D 219 25.16 -27.34 -37.53
N GLY D 220 25.44 -28.03 -36.43
CA GLY D 220 26.60 -27.74 -35.62
C GLY D 220 26.48 -26.53 -34.73
N GLN D 221 25.27 -26.00 -34.53
CA GLN D 221 25.05 -24.83 -33.71
C GLN D 221 23.86 -25.06 -32.79
N SER D 222 23.82 -24.30 -31.70
CA SER D 222 22.73 -24.40 -30.74
C SER D 222 21.44 -23.89 -31.37
N PRO D 223 20.29 -24.47 -30.98
CA PRO D 223 19.02 -24.01 -31.53
C PRO D 223 18.72 -22.57 -31.14
N GLN D 224 17.93 -21.90 -31.98
CA GLN D 224 17.53 -20.53 -31.74
C GLN D 224 16.02 -20.41 -31.81
N LEU D 225 15.47 -19.45 -31.07
CA LEU D 225 14.04 -19.23 -31.01
C LEU D 225 13.61 -18.30 -32.13
N LEU D 226 12.66 -18.75 -32.94
CA LEU D 226 12.16 -17.97 -34.07
C LEU D 226 10.85 -17.26 -33.75
N ILE D 227 9.82 -18.02 -33.36
CA ILE D 227 8.50 -17.49 -33.07
C ILE D 227 8.02 -18.09 -31.75
N TYR D 228 7.56 -17.23 -30.85
CA TYR D 228 7.01 -17.69 -29.58
C TYR D 228 5.53 -17.35 -29.51
N ARG D 229 4.77 -18.23 -28.86
CA ARG D 229 3.31 -18.11 -28.73
C ARG D 229 2.61 -18.04 -30.08
N MET D 230 3.26 -18.49 -31.15
CA MET D 230 2.73 -18.63 -32.50
C MET D 230 2.31 -17.29 -33.13
N SER D 231 2.49 -16.18 -32.43
CA SER D 231 2.02 -14.90 -32.93
C SER D 231 3.07 -13.80 -32.95
N ASN D 232 4.20 -13.97 -32.28
CA ASN D 232 5.22 -12.93 -32.21
C ASN D 232 6.59 -13.53 -32.50
N LEU D 233 7.54 -12.65 -32.82
CA LEU D 233 8.88 -13.05 -33.21
C LEU D 233 9.88 -12.63 -32.13
N ALA D 234 10.89 -13.46 -31.92
CA ALA D 234 11.91 -13.17 -30.92
C ALA D 234 12.87 -12.09 -31.43
N SER D 235 13.66 -11.56 -30.51
CA SER D 235 14.62 -10.52 -30.85
C SER D 235 15.70 -11.06 -31.77
N GLY D 236 16.05 -10.28 -32.79
CA GLY D 236 17.06 -10.69 -33.76
C GLY D 236 16.56 -11.58 -34.87
N VAL D 237 15.29 -11.96 -34.85
CA VAL D 237 14.71 -12.82 -35.88
C VAL D 237 14.25 -11.96 -37.05
N PRO D 238 14.65 -12.27 -38.28
CA PRO D 238 14.18 -11.49 -39.43
C PRO D 238 12.67 -11.56 -39.57
N ASP D 239 12.09 -10.48 -40.07
CA ASP D 239 10.64 -10.35 -40.17
C ASP D 239 10.02 -11.27 -41.20
N ARG D 240 10.84 -11.96 -42.02
CA ARG D 240 10.29 -12.84 -43.04
C ARG D 240 9.52 -14.00 -42.42
N PHE D 241 9.94 -14.49 -41.26
CA PHE D 241 9.25 -15.59 -40.61
C PHE D 241 7.88 -15.17 -40.13
N SER D 242 6.88 -16.03 -40.36
CA SER D 242 5.53 -15.76 -39.91
C SER D 242 4.86 -17.07 -39.52
N GLY D 243 3.86 -16.97 -38.65
CA GLY D 243 3.14 -18.13 -38.19
C GLY D 243 1.64 -17.92 -38.28
N SER D 244 0.93 -19.03 -38.51
CA SER D 244 -0.52 -18.99 -38.60
C SER D 244 -1.08 -20.34 -38.18
N GLY D 245 -2.37 -20.37 -37.91
CA GLY D 245 -3.02 -21.60 -37.52
C GLY D 245 -4.29 -21.35 -36.74
N SER D 246 -5.10 -22.40 -36.64
CA SER D 246 -6.42 -22.22 -36.00
C SER D 246 -6.43 -22.86 -34.61
N GLY D 247 -5.27 -23.27 -34.14
CA GLY D 247 -5.18 -23.87 -32.84
C GLY D 247 -4.92 -25.36 -32.84
N THR D 248 -5.16 -26.03 -33.97
CA THR D 248 -4.86 -27.45 -34.12
C THR D 248 -3.83 -27.73 -35.19
N ALA D 249 -3.96 -27.11 -36.36
CA ALA D 249 -2.99 -27.20 -37.43
C ALA D 249 -2.27 -25.87 -37.55
N PHE D 250 -0.94 -25.91 -37.60
CA PHE D 250 -0.12 -24.71 -37.58
C PHE D 250 0.79 -24.70 -38.80
N THR D 251 1.09 -23.50 -39.29
CA THR D 251 1.92 -23.31 -40.47
C THR D 251 2.93 -22.21 -40.20
N LEU D 252 4.20 -22.49 -40.51
CA LEU D 252 5.27 -21.52 -40.41
C LEU D 252 5.77 -21.21 -41.82
N THR D 253 5.74 -19.94 -42.20
CA THR D 253 6.09 -19.50 -43.54
C THR D 253 7.34 -18.63 -43.50
N ILE D 254 8.26 -18.89 -44.42
CA ILE D 254 9.50 -18.13 -44.56
C ILE D 254 9.55 -17.59 -45.97
N SER D 255 9.75 -16.27 -46.10
CA SER D 255 9.80 -15.59 -47.38
C SER D 255 11.22 -15.15 -47.68
N ARG D 256 11.65 -15.40 -48.92
CA ARG D 256 13.00 -15.05 -49.38
C ARG D 256 14.05 -15.72 -48.49
N LEU D 257 14.05 -17.05 -48.52
CA LEU D 257 14.98 -17.81 -47.71
C LEU D 257 16.42 -17.55 -48.14
N GLU D 258 17.30 -17.42 -47.16
CA GLU D 258 18.72 -17.17 -47.38
C GLU D 258 19.53 -18.39 -46.99
N ALA D 259 20.85 -18.29 -47.20
CA ALA D 259 21.74 -19.39 -46.84
C ALA D 259 21.75 -19.64 -45.34
N GLU D 260 21.72 -18.57 -44.54
CA GLU D 260 21.71 -18.71 -43.09
C GLU D 260 20.40 -19.25 -42.55
N ASP D 261 19.35 -19.32 -43.36
CA ASP D 261 18.06 -19.82 -42.92
C ASP D 261 17.98 -21.34 -42.93
N VAL D 262 19.01 -22.03 -43.44
CA VAL D 262 19.00 -23.49 -43.47
C VAL D 262 19.13 -24.02 -42.04
N GLY D 263 18.58 -25.20 -41.81
CA GLY D 263 18.62 -25.82 -40.50
C GLY D 263 17.47 -26.80 -40.33
N VAL D 264 17.12 -27.01 -39.06
CA VAL D 264 16.05 -27.94 -38.68
C VAL D 264 15.00 -27.14 -37.90
N TYR D 265 13.73 -27.36 -38.25
CA TYR D 265 12.62 -26.71 -37.58
C TYR D 265 12.05 -27.63 -36.50
N TYR D 266 11.86 -27.10 -35.31
CA TYR D 266 11.32 -27.85 -34.19
C TYR D 266 10.13 -27.11 -33.60
N CYS D 267 9.11 -27.85 -33.24
CA CYS D 267 7.89 -27.23 -32.74
C CYS D 267 7.78 -27.60 -31.29
N MET D 268 7.41 -26.68 -30.43
CA MET D 268 7.21 -27.14 -29.06
C MET D 268 5.77 -26.98 -28.66
N GLN D 269 5.47 -27.26 -27.42
CA GLN D 269 4.15 -27.15 -26.84
C GLN D 269 4.24 -26.63 -25.40
N HIS D 270 3.24 -25.84 -25.01
CA HIS D 270 3.19 -25.33 -23.64
C HIS D 270 1.79 -25.33 -23.04
N LEU D 271 0.78 -25.83 -23.76
CA LEU D 271 -0.58 -25.86 -23.20
C LEU D 271 -0.64 -26.76 -21.97
N GLU D 272 0.02 -27.90 -22.01
CA GLU D 272 0.17 -28.80 -20.88
C GLU D 272 1.66 -28.89 -20.55
N TYR D 273 2.02 -29.81 -19.66
CA TYR D 273 3.43 -29.93 -19.34
C TYR D 273 4.02 -31.32 -19.58
N PRO D 274 3.82 -31.94 -20.76
CA PRO D 274 4.71 -33.06 -21.12
C PRO D 274 5.94 -32.55 -21.84
N LEU D 275 5.81 -31.37 -22.47
CA LEU D 275 6.89 -30.73 -23.23
C LEU D 275 7.44 -31.65 -24.32
N THR D 276 6.53 -32.08 -25.19
CA THR D 276 6.88 -32.97 -26.28
C THR D 276 7.56 -32.21 -27.41
N PHE D 277 8.09 -32.97 -28.37
CA PHE D 277 8.82 -32.43 -29.50
C PHE D 277 8.34 -33.06 -30.80
N GLY D 278 8.51 -32.33 -31.89
CA GLY D 278 8.21 -32.88 -33.19
C GLY D 278 9.38 -33.66 -33.77
N ALA D 279 9.10 -34.33 -34.89
CA ALA D 279 10.15 -35.10 -35.57
C ALA D 279 11.24 -34.17 -36.10
N GLY D 280 10.85 -33.02 -36.63
CA GLY D 280 11.80 -32.08 -37.19
C GLY D 280 11.88 -32.15 -38.70
N THR D 281 11.99 -30.99 -39.35
CA THR D 281 12.06 -30.90 -40.79
C THR D 281 13.45 -30.43 -41.20
N LYS D 282 14.11 -31.21 -42.05
CA LYS D 282 15.45 -30.92 -42.52
C LYS D 282 15.38 -30.17 -43.85
N LEU D 283 16.12 -29.08 -43.96
CA LEU D 283 16.12 -28.23 -45.15
C LEU D 283 17.40 -28.48 -45.93
N GLU D 284 17.25 -28.75 -47.23
CA GLU D 284 18.38 -28.98 -48.13
C GLU D 284 18.50 -27.80 -49.09
N LEU D 285 19.71 -27.26 -49.19
CA LEU D 285 19.97 -26.13 -50.07
C LEU D 285 19.94 -26.55 -51.54
N ASP E 2 -28.02 -30.02 55.15
CA ASP E 2 -27.53 -30.97 54.15
C ASP E 2 -27.92 -30.54 52.75
N GLU E 3 -29.11 -30.98 52.31
CA GLU E 3 -29.60 -30.64 50.98
C GLU E 3 -30.09 -29.21 50.87
N GLU E 4 -30.18 -28.48 51.99
CA GLU E 4 -30.65 -27.11 51.97
C GLU E 4 -29.69 -26.16 51.26
N ALA E 5 -28.46 -26.61 50.97
CA ALA E 5 -27.51 -25.76 50.28
C ALA E 5 -27.98 -25.39 48.87
N VAL E 6 -28.87 -26.18 48.28
CA VAL E 6 -29.38 -25.85 46.96
C VAL E 6 -30.27 -24.61 46.98
N TYR E 7 -30.79 -24.24 48.16
CA TYR E 7 -31.56 -23.01 48.26
C TYR E 7 -30.68 -21.79 47.97
N PHE E 8 -29.43 -21.82 48.42
CA PHE E 8 -28.51 -20.74 48.12
C PHE E 8 -28.29 -20.60 46.62
N ALA E 9 -28.13 -21.72 45.92
CA ALA E 9 -27.97 -21.69 44.48
C ALA E 9 -29.24 -21.21 43.77
N HIS E 10 -30.39 -21.30 44.43
CA HIS E 10 -31.63 -20.81 43.83
C HIS E 10 -31.57 -19.31 43.60
N LEU E 11 -31.08 -18.56 44.59
CA LEU E 11 -30.99 -17.11 44.50
C LEU E 11 -29.59 -16.63 44.13
N ASP E 12 -28.64 -17.56 43.95
CA ASP E 12 -27.28 -17.17 43.57
C ASP E 12 -27.23 -16.77 42.09
N ILE E 13 -26.24 -15.95 41.76
CA ILE E 13 -26.02 -15.60 40.37
C ILE E 13 -25.45 -16.78 39.59
N ILE E 14 -25.55 -16.69 38.27
CA ILE E 14 -25.09 -17.75 37.38
C ILE E 14 -23.61 -17.51 37.10
N TRP E 15 -22.75 -18.25 37.78
CA TRP E 15 -21.31 -18.09 37.64
C TRP E 15 -20.57 -19.28 38.24
N CYS F 111 -31.88 -23.69 61.25
CA CYS F 111 -31.66 -22.22 61.24
C CYS F 111 -32.96 -21.47 61.50
N GLN F 112 -32.91 -20.35 62.20
CA GLN F 112 -34.04 -19.50 62.51
C GLN F 112 -34.04 -18.21 61.68
N GLY F 113 -33.21 -18.14 60.64
CA GLY F 113 -33.06 -16.94 59.85
C GLY F 113 -33.19 -17.16 58.35
N PRO F 114 -34.20 -17.96 57.90
CA PRO F 114 -34.22 -18.45 56.51
C PRO F 114 -33.84 -17.41 55.47
N ILE F 115 -33.02 -17.83 54.50
CA ILE F 115 -32.41 -16.90 53.57
C ILE F 115 -33.47 -16.21 52.74
N GLU F 116 -33.41 -14.88 52.69
CA GLU F 116 -34.33 -14.07 51.90
C GLU F 116 -33.70 -12.72 51.66
N ILE F 117 -33.45 -12.38 50.40
CA ILE F 117 -32.81 -11.12 50.08
C ILE F 117 -33.75 -9.97 50.42
N LYS F 118 -33.23 -8.98 51.16
CA LYS F 118 -34.05 -7.84 51.56
C LYS F 118 -34.45 -7.02 50.33
N GLU F 119 -35.68 -6.49 50.38
CA GLU F 119 -36.16 -5.66 49.28
C GLU F 119 -35.33 -4.39 49.13
N THR F 120 -34.93 -3.79 50.25
CA THR F 120 -34.14 -2.57 50.19
C THR F 120 -32.80 -2.79 49.48
N PHE F 121 -32.25 -4.01 49.56
CA PHE F 121 -31.04 -4.35 48.86
C PHE F 121 -31.30 -4.95 47.48
N LYS F 122 -32.57 -5.03 47.06
CA LYS F 122 -32.94 -5.55 45.75
C LYS F 122 -33.22 -4.43 44.76
N TYR F 123 -33.98 -3.40 45.17
CA TYR F 123 -34.26 -2.29 44.28
C TYR F 123 -32.99 -1.52 43.92
N ILE F 124 -32.11 -1.31 44.91
CA ILE F 124 -30.86 -0.60 44.65
C ILE F 124 -29.96 -1.40 43.73
N ASN F 125 -29.97 -2.73 43.86
CA ASN F 125 -29.17 -3.56 42.97
C ASN F 125 -29.68 -3.53 41.54
N THR F 126 -31.00 -3.45 41.36
CA THR F 126 -31.56 -3.38 40.01
C THR F 126 -31.14 -2.09 39.31
N VAL F 127 -31.13 -0.97 40.04
CA VAL F 127 -30.81 0.32 39.43
C VAL F 127 -29.34 0.37 39.01
N VAL F 128 -28.44 -0.06 39.90
CA VAL F 128 -27.01 0.01 39.59
C VAL F 128 -26.65 -0.93 38.45
N SER F 129 -27.30 -2.10 38.38
CA SER F 129 -27.06 -3.02 37.27
C SER F 129 -27.52 -2.42 35.95
N CYS F 130 -28.66 -1.73 35.96
CA CYS F 130 -29.16 -1.09 34.74
C CYS F 130 -28.20 0.01 34.27
N LEU F 131 -27.63 0.77 35.21
CA LEU F 131 -26.71 1.84 34.84
C LEU F 131 -25.49 1.28 34.12
N VAL F 132 -24.92 0.19 34.63
CA VAL F 132 -23.81 -0.44 33.95
C VAL F 132 -24.24 -1.04 32.62
N PHE F 133 -25.47 -1.56 32.56
CA PHE F 133 -25.99 -2.12 31.32
C PHE F 133 -26.04 -1.08 30.21
N VAL F 134 -26.62 0.09 30.50
CA VAL F 134 -26.71 1.13 29.47
C VAL F 134 -25.34 1.70 29.17
N LEU F 135 -24.44 1.75 30.16
CA LEU F 135 -23.10 2.26 29.91
C LEU F 135 -22.30 1.31 29.04
N GLY F 136 -22.43 0.00 29.28
CA GLY F 136 -21.69 -0.97 28.48
C GLY F 136 -22.16 -1.02 27.03
N ILE F 137 -23.47 -0.92 26.81
CA ILE F 137 -24.00 -0.96 25.45
C ILE F 137 -23.48 0.22 24.64
N ILE F 138 -23.54 1.42 25.22
CA ILE F 138 -23.06 2.61 24.51
C ILE F 138 -21.53 2.56 24.36
N GLY F 139 -20.84 2.18 25.44
CA GLY F 139 -19.38 2.18 25.39
C GLY F 139 -18.81 1.16 24.42
N ASN F 140 -19.37 -0.05 24.41
CA ASN F 140 -18.83 -1.10 23.56
C ASN F 140 -19.20 -0.88 22.10
N SER F 141 -20.43 -0.46 21.83
CA SER F 141 -20.85 -0.23 20.45
C SER F 141 -20.03 0.88 19.81
N THR F 142 -19.78 1.96 20.56
CA THR F 142 -18.96 3.05 20.03
C THR F 142 -17.52 2.59 19.80
N LEU F 143 -16.97 1.80 20.72
CA LEU F 143 -15.58 1.37 20.60
C LEU F 143 -15.39 0.43 19.41
N LEU F 144 -16.33 -0.50 19.21
CA LEU F 144 -16.23 -1.40 18.07
C LEU F 144 -16.48 -0.68 16.76
N ARG F 145 -17.39 0.29 16.75
CA ARG F 145 -17.75 0.98 15.51
C ARG F 145 -16.57 1.77 14.95
N ILE F 146 -15.85 2.50 15.82
CA ILE F 146 -14.76 3.33 15.34
C ILE F 146 -13.61 2.47 14.84
N ILE F 147 -13.36 1.34 15.49
CA ILE F 147 -12.29 0.44 15.06
C ILE F 147 -12.58 -0.13 13.67
N TYR F 148 -13.82 -0.57 13.45
CA TYR F 148 -14.18 -1.14 12.16
C TYR F 148 -14.28 -0.07 11.08
N LYS F 149 -14.84 1.09 11.42
CA LYS F 149 -15.03 2.14 10.43
C LYS F 149 -13.70 2.67 9.90
N ASN F 150 -12.73 2.86 10.78
CA ASN F 150 -11.43 3.40 10.40
C ASN F 150 -10.44 2.27 10.20
N LYS F 151 -9.88 2.18 8.98
CA LYS F 151 -8.90 1.14 8.69
C LYS F 151 -7.54 1.41 9.32
N CYS F 152 -7.28 2.67 9.72
CA CYS F 152 -6.01 2.99 10.34
C CYS F 152 -5.89 2.35 11.72
N MET F 153 -6.99 2.27 12.46
CA MET F 153 -7.00 1.65 13.78
C MET F 153 -7.26 0.15 13.68
N ARG F 154 -6.41 -0.51 12.89
CA ARG F 154 -6.52 -1.95 12.69
C ARG F 154 -5.15 -2.62 12.73
N ASN F 155 -4.22 -2.07 13.50
CA ASN F 155 -2.88 -2.63 13.60
C ASN F 155 -2.84 -3.68 14.72
N GLY F 156 -1.63 -4.08 15.13
CA GLY F 156 -1.43 -5.09 16.12
C GLY F 156 -2.19 -4.87 17.42
N PRO F 157 -1.80 -3.84 18.18
CA PRO F 157 -2.47 -3.64 19.49
C PRO F 157 -3.91 -3.19 19.36
N ASN F 158 -4.30 -2.57 18.24
CA ASN F 158 -5.67 -2.12 18.09
C ASN F 158 -6.65 -3.28 18.04
N ILE F 159 -6.31 -4.33 17.27
CA ILE F 159 -7.19 -5.48 17.16
C ILE F 159 -7.23 -6.27 18.46
N LEU F 160 -6.18 -6.19 19.29
CA LEU F 160 -6.23 -6.82 20.60
C LEU F 160 -7.27 -6.18 21.50
N ILE F 161 -7.34 -4.84 21.46
CA ILE F 161 -8.36 -4.14 22.24
C ILE F 161 -9.74 -4.42 21.68
N ALA F 162 -9.86 -4.55 20.35
CA ALA F 162 -11.16 -4.76 19.73
C ALA F 162 -11.79 -6.08 20.19
N SER F 163 -11.00 -7.15 20.24
CA SER F 163 -11.51 -8.42 20.74
C SER F 163 -11.89 -8.32 22.21
N LEU F 164 -11.06 -7.67 23.01
CA LEU F 164 -11.41 -7.45 24.42
C LEU F 164 -12.64 -6.55 24.54
N ALA F 165 -12.72 -5.52 23.68
CA ALA F 165 -13.92 -4.71 23.63
C ALA F 165 -15.12 -5.54 23.17
N LEU F 166 -14.91 -6.41 22.17
CA LEU F 166 -15.95 -7.36 21.80
C LEU F 166 -16.25 -8.29 22.96
N GLY F 167 -15.22 -8.67 23.72
CA GLY F 167 -15.46 -9.39 24.96
C GLY F 167 -16.20 -8.58 25.99
N ASP F 168 -15.86 -7.28 26.08
CA ASP F 168 -16.64 -6.39 26.94
C ASP F 168 -18.04 -6.17 26.41
N LEU F 169 -18.23 -6.30 25.09
CA LEU F 169 -19.58 -6.34 24.54
C LEU F 169 -20.33 -7.54 25.06
N LEU F 170 -19.65 -8.67 25.20
CA LEU F 170 -20.20 -9.81 25.92
C LEU F 170 -20.02 -9.59 27.42
N HIS F 171 -20.42 -10.59 28.21
CA HIS F 171 -20.38 -10.51 29.68
C HIS F 171 -21.30 -9.42 30.20
N ILE F 172 -21.99 -8.72 29.30
CA ILE F 172 -23.00 -7.74 29.68
C ILE F 172 -24.33 -7.95 29.00
N VAL F 173 -24.39 -8.69 27.89
CA VAL F 173 -25.66 -9.04 27.26
C VAL F 173 -26.09 -10.46 27.60
N ILE F 174 -25.22 -11.26 28.22
CA ILE F 174 -25.54 -12.62 28.57
C ILE F 174 -25.48 -12.86 30.08
N ASP F 175 -24.68 -12.09 30.82
CA ASP F 175 -24.48 -12.30 32.25
C ASP F 175 -25.42 -11.45 33.09
N ILE F 176 -25.35 -10.12 32.95
CA ILE F 176 -26.13 -9.22 33.78
C ILE F 176 -27.62 -9.21 33.42
N PRO F 177 -28.05 -9.40 32.16
CA PRO F 177 -29.51 -9.38 31.92
C PRO F 177 -30.27 -10.45 32.68
N ILE F 178 -29.67 -11.63 32.87
CA ILE F 178 -30.33 -12.70 33.60
C ILE F 178 -30.01 -12.68 35.09
N ASN F 179 -28.95 -11.97 35.49
CA ASN F 179 -28.65 -11.84 36.92
C ASN F 179 -29.69 -10.98 37.63
N VAL F 180 -30.02 -9.82 37.06
CA VAL F 180 -31.05 -8.97 37.63
C VAL F 180 -32.42 -9.63 37.48
N TYR F 181 -32.64 -10.32 36.34
CA TYR F 181 -33.91 -11.00 36.12
C TYR F 181 -34.11 -12.12 37.15
N LYS F 182 -33.05 -12.86 37.47
CA LYS F 182 -33.16 -13.90 38.49
C LYS F 182 -33.42 -13.31 39.87
N LEU F 183 -32.83 -12.15 40.16
CA LEU F 183 -33.03 -11.52 41.46
C LEU F 183 -34.49 -11.13 41.67
N LEU F 184 -35.12 -10.53 40.65
CA LEU F 184 -36.49 -10.08 40.79
C LEU F 184 -37.47 -11.26 40.71
N ALA F 185 -37.18 -12.23 39.84
CA ALA F 185 -38.09 -13.36 39.67
C ALA F 185 -37.97 -14.37 40.81
N GLU F 186 -36.76 -14.56 41.34
CA GLU F 186 -36.50 -15.57 42.37
C GLU F 186 -36.92 -16.96 41.90
N ASP F 187 -36.69 -17.23 40.61
CA ASP F 187 -37.05 -18.50 40.01
C ASP F 187 -36.32 -18.63 38.69
N TRP F 188 -36.39 -19.82 38.09
CA TRP F 188 -35.77 -20.10 36.80
C TRP F 188 -36.78 -20.76 35.86
N PRO F 189 -37.76 -20.01 35.39
CA PRO F 189 -38.70 -20.55 34.38
C PRO F 189 -38.34 -20.21 32.93
N PHE F 190 -37.17 -19.61 32.68
CA PHE F 190 -36.83 -19.19 31.32
C PHE F 190 -36.68 -20.39 30.40
N GLY F 191 -36.05 -21.46 30.88
CA GLY F 191 -35.86 -22.64 30.06
C GLY F 191 -35.17 -23.74 30.83
N ALA F 192 -34.92 -24.84 30.14
CA ALA F 192 -34.27 -26.00 30.74
C ALA F 192 -32.75 -25.93 30.55
N MET F 194 -30.70 -24.53 27.80
CA MET F 194 -30.32 -23.10 27.71
C MET F 194 -29.40 -22.76 28.86
N CYS F 195 -29.90 -22.96 30.07
CA CYS F 195 -29.10 -22.68 31.27
C CYS F 195 -27.78 -23.43 31.22
N LYS F 196 -27.62 -24.37 30.30
CA LYS F 196 -26.30 -25.02 30.13
C LYS F 196 -25.31 -24.19 29.35
N LEU F 197 -25.75 -23.06 28.83
CA LEU F 197 -24.89 -22.19 27.98
C LEU F 197 -24.67 -20.86 28.68
N VAL F 198 -25.74 -20.20 29.12
CA VAL F 198 -25.52 -18.96 29.91
C VAL F 198 -24.27 -19.22 30.72
N PRO F 199 -24.15 -20.26 31.55
CA PRO F 199 -22.92 -20.45 32.26
C PRO F 199 -21.72 -20.47 31.32
N PHE F 200 -21.72 -21.33 30.31
CA PHE F 200 -20.52 -21.47 29.45
C PHE F 200 -20.13 -20.24 28.65
N ILE F 201 -20.99 -19.75 27.74
CA ILE F 201 -20.49 -18.63 26.94
C ILE F 201 -20.16 -17.53 27.93
N GLN F 202 -20.93 -17.42 29.01
CA GLN F 202 -20.63 -16.41 30.02
C GLN F 202 -19.28 -16.66 30.67
N LYS F 203 -18.96 -17.87 31.04
CA LYS F 203 -17.59 -18.01 31.59
C LYS F 203 -16.58 -17.93 30.44
N ALA F 204 -16.89 -18.45 29.24
CA ALA F 204 -15.94 -18.23 28.16
C ALA F 204 -15.71 -16.74 27.91
N SER F 205 -16.75 -15.92 28.10
CA SER F 205 -16.56 -14.48 27.99
C SER F 205 -15.65 -13.95 29.07
N VAL F 206 -15.70 -14.54 30.27
CA VAL F 206 -14.73 -14.18 31.30
C VAL F 206 -13.33 -14.64 30.90
N GLY F 207 -13.23 -15.75 30.18
CA GLY F 207 -11.92 -16.25 29.78
C GLY F 207 -11.19 -15.30 28.85
N ILE F 208 -11.91 -14.73 27.87
CA ILE F 208 -11.25 -13.89 26.89
C ILE F 208 -11.08 -12.45 27.36
N THR F 209 -11.82 -12.02 28.39
CA THR F 209 -11.59 -10.68 28.92
C THR F 209 -10.44 -10.69 29.93
N VAL F 210 -10.30 -11.77 30.69
CA VAL F 210 -9.21 -11.89 31.64
C VAL F 210 -7.89 -12.11 30.92
N LEU F 211 -7.89 -13.04 29.97
CA LEU F 211 -6.64 -13.45 29.33
C LEU F 211 -6.15 -12.43 28.31
N SER F 212 -7.05 -11.79 27.57
CA SER F 212 -6.63 -10.79 26.60
C SER F 212 -6.04 -9.56 27.27
N LEU F 213 -6.43 -9.31 28.53
CA LEU F 213 -5.76 -8.27 29.30
C LEU F 213 -4.29 -8.61 29.48
N CYS F 214 -3.98 -9.88 29.72
CA CYS F 214 -2.59 -10.32 29.74
C CYS F 214 -1.95 -10.18 28.36
N ALA F 215 -2.71 -10.49 27.31
CA ALA F 215 -2.19 -10.35 25.95
C ALA F 215 -1.88 -8.90 25.62
N LEU F 216 -2.70 -7.97 26.13
CA LEU F 216 -2.43 -6.55 25.93
C LEU F 216 -1.11 -6.16 26.58
N SER F 217 -0.82 -6.71 27.77
CA SER F 217 0.47 -6.46 28.39
C SER F 217 1.62 -7.03 27.57
N ILE F 218 1.39 -8.14 26.86
CA ILE F 218 2.43 -8.72 26.01
C ILE F 218 2.79 -7.74 24.89
N ASP F 219 1.77 -7.18 24.23
CA ASP F 219 2.02 -6.23 23.15
C ASP F 219 2.58 -4.92 23.71
N ARG F 220 2.07 -4.48 24.87
CA ARG F 220 2.56 -3.24 25.46
C ARG F 220 4.02 -3.37 25.90
N TYR F 221 4.41 -4.54 26.41
CA TYR F 221 5.80 -4.75 26.79
C TYR F 221 6.72 -4.62 25.60
N ARG F 222 6.34 -5.21 24.46
CA ARG F 222 7.16 -5.09 23.26
C ARG F 222 7.14 -3.67 22.70
N ALA F 223 6.17 -2.85 23.09
CA ALA F 223 6.11 -1.47 22.60
C ALA F 223 7.18 -0.60 23.23
N VAL F 224 7.61 -0.93 24.45
CA VAL F 224 8.60 -0.14 25.17
C VAL F 224 9.96 -0.84 25.20
N ALA F 225 9.98 -2.15 25.44
CA ALA F 225 11.24 -2.88 25.46
C ALA F 225 11.92 -2.85 24.09
N SER F 226 11.14 -3.00 23.02
CA SER F 226 11.65 -2.94 21.66
C SER F 226 11.16 -1.64 21.03
N TRP F 227 11.93 -0.58 21.21
CA TRP F 227 11.59 0.64 20.47
C TRP F 227 12.12 0.39 19.06
N SER F 228 12.02 -0.85 18.59
CA SER F 228 12.61 -1.20 17.27
C SER F 228 11.88 -2.41 16.66
N ARG F 229 12.15 -3.68 17.05
CA ARG F 229 11.41 -4.76 16.42
C ARG F 229 9.95 -4.36 16.23
N ILE F 230 9.44 -3.43 17.03
CA ILE F 230 8.05 -3.01 16.91
C ILE F 230 7.53 -2.55 15.55
N LYS F 231 8.42 -2.14 14.64
CA LYS F 231 8.00 -1.66 13.33
C LYS F 231 7.32 -2.77 12.55
N GLY F 232 6.20 -2.44 11.91
CA GLY F 232 5.45 -3.40 11.13
C GLY F 232 4.60 -2.74 10.06
N ILE F 233 4.58 -3.32 8.86
CA ILE F 233 3.79 -2.75 7.77
C ILE F 233 2.30 -2.89 8.05
N GLY F 234 1.89 -4.02 8.61
CA GLY F 234 0.48 -4.24 8.92
C GLY F 234 0.27 -5.03 10.20
N VAL F 235 -0.70 -5.93 10.18
CA VAL F 235 -1.00 -6.76 11.35
C VAL F 235 0.09 -7.80 11.50
N PRO F 236 0.77 -7.87 12.65
CA PRO F 236 1.82 -8.88 12.83
C PRO F 236 1.27 -10.28 12.80
N LYS F 237 2.10 -11.22 12.33
CA LYS F 237 1.69 -12.62 12.27
C LYS F 237 1.47 -13.19 13.67
N TRP F 238 2.29 -12.76 14.64
CA TRP F 238 2.12 -13.24 16.02
C TRP F 238 0.77 -12.82 16.58
N THR F 239 0.36 -11.58 16.31
CA THR F 239 -0.95 -11.13 16.76
C THR F 239 -2.07 -11.93 16.09
N ALA F 240 -1.92 -12.23 14.80
CA ALA F 240 -2.91 -13.05 14.11
C ALA F 240 -2.99 -14.45 14.71
N VAL F 241 -1.84 -15.03 15.06
CA VAL F 241 -1.85 -16.32 15.75
C VAL F 241 -2.44 -16.16 17.14
N GLU F 242 -2.07 -15.09 17.85
CA GLU F 242 -2.54 -14.90 19.21
C GLU F 242 -4.05 -14.69 19.27
N ILE F 243 -4.59 -13.89 18.35
CA ILE F 243 -6.02 -13.56 18.41
C ILE F 243 -6.88 -14.79 18.20
N VAL F 244 -6.40 -15.77 17.45
CA VAL F 244 -7.11 -17.04 17.32
C VAL F 244 -6.83 -17.95 18.51
N LEU F 245 -5.58 -17.96 18.98
CA LEU F 245 -5.23 -18.79 20.13
C LEU F 245 -5.91 -18.29 21.40
N ILE F 246 -6.03 -16.97 21.55
CA ILE F 246 -6.61 -16.42 22.78
C ILE F 246 -8.08 -16.81 22.89
N TRP F 247 -8.78 -16.89 21.76
CA TRP F 247 -10.18 -17.30 21.76
C TRP F 247 -10.32 -18.79 22.01
N VAL F 248 -9.48 -19.60 21.35
CA VAL F 248 -9.62 -21.05 21.43
C VAL F 248 -9.30 -21.58 22.82
N VAL F 249 -8.49 -20.84 23.59
CA VAL F 249 -8.12 -21.32 24.93
C VAL F 249 -9.32 -21.26 25.87
N SER F 250 -10.04 -20.14 25.87
CA SER F 250 -11.13 -19.96 26.84
C SER F 250 -12.31 -20.88 26.54
N VAL F 251 -12.64 -21.06 25.26
CA VAL F 251 -13.76 -21.95 24.92
C VAL F 251 -13.43 -23.39 25.29
N VAL F 252 -12.17 -23.80 25.12
CA VAL F 252 -11.78 -25.15 25.49
C VAL F 252 -11.54 -25.29 26.99
N LEU F 253 -11.37 -24.17 27.70
CA LEU F 253 -11.21 -24.21 29.16
C LEU F 253 -12.53 -24.05 29.89
N ALA F 254 -13.61 -23.72 29.19
CA ALA F 254 -14.92 -23.57 29.79
C ALA F 254 -15.83 -24.77 29.54
N VAL F 255 -15.31 -25.82 28.93
CA VAL F 255 -16.08 -27.04 28.66
C VAL F 255 -16.49 -27.79 29.93
N PRO F 256 -15.76 -27.72 31.07
CA PRO F 256 -16.32 -28.32 32.29
C PRO F 256 -17.64 -27.70 32.72
N GLU F 257 -17.84 -26.42 32.44
CA GLU F 257 -19.11 -25.77 32.77
C GLU F 257 -20.16 -25.94 31.68
N ALA F 258 -19.82 -26.58 30.56
CA ALA F 258 -20.80 -26.74 29.49
C ALA F 258 -21.84 -27.79 29.85
N ILE F 259 -21.42 -29.04 30.06
CA ILE F 259 -22.33 -30.11 30.40
C ILE F 259 -22.38 -30.38 31.91
N GLY F 260 -21.78 -29.50 32.70
CA GLY F 260 -21.82 -29.61 34.14
C GLY F 260 -23.04 -29.00 34.81
N PHE F 261 -23.96 -28.45 34.03
CA PHE F 261 -25.16 -27.81 34.55
C PHE F 261 -26.39 -28.53 34.02
N ASP F 262 -27.37 -28.75 34.90
CA ASP F 262 -28.62 -29.40 34.52
C ASP F 262 -29.76 -28.75 35.31
N ILE F 263 -30.96 -29.30 35.15
CA ILE F 263 -32.15 -28.81 35.82
C ILE F 263 -32.63 -29.91 36.77
N ILE F 264 -32.70 -29.58 38.06
CA ILE F 264 -33.20 -30.50 39.08
C ILE F 264 -34.22 -29.74 39.93
N THR F 265 -35.36 -30.37 40.17
CA THR F 265 -36.47 -29.76 40.90
C THR F 265 -36.56 -30.37 42.28
N MET F 266 -36.34 -29.54 43.30
CA MET F 266 -36.50 -29.93 44.69
C MET F 266 -37.89 -29.56 45.19
N ASP F 267 -38.15 -29.89 46.46
CA ASP F 267 -39.38 -29.52 47.14
C ASP F 267 -39.03 -28.63 48.32
N TYR F 268 -39.63 -27.44 48.36
CA TYR F 268 -39.33 -26.44 49.39
C TYR F 268 -40.66 -25.99 49.99
N LYS F 269 -41.13 -26.73 51.00
CA LYS F 269 -42.39 -26.47 51.68
C LYS F 269 -43.53 -26.29 50.68
N GLY F 270 -43.80 -27.36 49.94
CA GLY F 270 -44.93 -27.39 49.01
C GLY F 270 -44.84 -26.40 47.88
N SER F 271 -43.67 -26.26 47.27
CA SER F 271 -43.47 -25.35 46.15
C SER F 271 -42.68 -26.05 45.05
N TYR F 272 -43.00 -25.72 43.80
CA TYR F 272 -42.31 -26.26 42.63
C TYR F 272 -41.31 -25.22 42.15
N LEU F 273 -40.03 -25.55 42.23
CA LEU F 273 -38.96 -24.61 41.90
C LEU F 273 -37.84 -25.35 41.19
N ARG F 274 -37.36 -24.77 40.09
CA ARG F 274 -36.34 -25.39 39.24
C ARG F 274 -35.03 -24.63 39.44
N ILE F 275 -34.03 -25.32 39.98
CA ILE F 275 -32.73 -24.73 40.28
C ILE F 275 -31.68 -25.41 39.41
N CYS F 276 -30.85 -24.61 38.74
CA CYS F 276 -29.76 -25.10 37.91
C CYS F 276 -28.43 -24.79 38.60
N LEU F 277 -27.58 -25.80 38.73
CA LEU F 277 -26.29 -25.64 39.36
C LEU F 277 -25.36 -26.75 38.86
N LEU F 278 -24.17 -26.84 39.44
CA LEU F 278 -23.29 -27.96 39.19
C LEU F 278 -23.85 -29.21 39.85
N HIS F 279 -23.59 -30.35 39.22
CA HIS F 279 -24.07 -31.62 39.77
C HIS F 279 -23.32 -31.94 41.06
N PRO F 280 -24.02 -32.19 42.17
CA PRO F 280 -23.32 -32.65 43.38
C PRO F 280 -22.57 -33.94 43.17
N VAL F 281 -23.10 -34.84 42.34
CA VAL F 281 -22.42 -36.08 41.96
C VAL F 281 -22.29 -36.10 40.44
N GLN F 282 -21.09 -36.33 39.95
CA GLN F 282 -20.80 -36.33 38.52
C GLN F 282 -20.29 -37.69 38.09
N LYS F 283 -20.77 -38.16 36.94
CA LYS F 283 -20.31 -39.44 36.41
C LYS F 283 -18.83 -39.39 36.07
N THR F 284 -18.39 -38.30 35.44
CA THR F 284 -16.99 -38.16 35.08
C THR F 284 -16.13 -37.92 36.30
N ALA F 285 -15.03 -38.65 36.40
CA ALA F 285 -14.11 -38.46 37.53
C ALA F 285 -13.48 -37.08 37.51
N PHE F 286 -13.14 -36.58 36.33
CA PHE F 286 -12.55 -35.25 36.23
C PHE F 286 -13.54 -34.18 36.65
N MET F 287 -14.82 -34.35 36.31
CA MET F 287 -15.83 -33.36 36.69
C MET F 287 -16.00 -33.29 38.19
N GLN F 288 -15.88 -34.43 38.88
CA GLN F 288 -15.96 -34.43 40.34
C GLN F 288 -14.83 -33.61 40.95
N PHE F 289 -13.62 -33.75 40.40
CA PHE F 289 -12.51 -32.92 40.87
C PHE F 289 -12.74 -31.45 40.55
N TYR F 290 -13.37 -31.17 39.39
CA TYR F 290 -13.66 -29.79 39.03
C TYR F 290 -14.63 -29.16 40.01
N LYS F 291 -15.65 -29.91 40.45
CA LYS F 291 -16.60 -29.39 41.42
C LYS F 291 -15.92 -29.08 42.75
N THR F 292 -15.05 -29.98 43.20
CA THR F 292 -14.30 -29.73 44.44
C THR F 292 -13.36 -28.54 44.29
N ALA F 293 -12.69 -28.45 43.14
CA ALA F 293 -11.75 -27.36 42.87
C ALA F 293 -12.38 -26.24 42.05
N LYS F 294 -13.68 -26.00 42.24
CA LYS F 294 -14.35 -24.95 41.50
C LYS F 294 -13.81 -23.57 41.86
N ASP F 295 -13.73 -23.28 43.17
CA ASP F 295 -13.28 -21.96 43.60
C ASP F 295 -11.80 -21.75 43.30
N TRP F 296 -10.98 -22.79 43.49
CA TRP F 296 -9.54 -22.65 43.26
C TRP F 296 -9.25 -22.38 41.79
N TRP F 297 -9.89 -23.13 40.88
CA TRP F 297 -9.66 -22.91 39.46
C TRP F 297 -10.22 -21.56 39.02
N LEU F 298 -11.36 -21.15 39.59
CA LEU F 298 -11.98 -19.88 39.25
C LEU F 298 -11.18 -18.68 39.77
N PHE F 299 -10.26 -18.90 40.70
CA PHE F 299 -9.48 -17.83 41.31
C PHE F 299 -8.00 -17.87 40.94
N SER F 300 -7.41 -19.05 40.85
CA SER F 300 -5.99 -19.17 40.53
C SER F 300 -5.69 -18.89 39.06
N PHE F 301 -6.71 -18.81 38.21
CA PHE F 301 -6.52 -18.57 36.79
C PHE F 301 -7.06 -17.22 36.32
N TYR F 302 -8.24 -16.82 36.78
CA TYR F 302 -8.80 -15.54 36.40
C TYR F 302 -8.29 -14.39 37.25
N PHE F 303 -7.76 -14.66 38.44
CA PHE F 303 -7.23 -13.63 39.31
C PHE F 303 -5.74 -13.76 39.57
N CYS F 304 -5.28 -14.93 40.02
CA CYS F 304 -3.86 -15.09 40.37
C CYS F 304 -2.98 -14.93 39.14
N LEU F 305 -3.36 -15.52 38.02
CA LEU F 305 -2.54 -15.42 36.81
C LEU F 305 -2.42 -13.98 36.30
N PRO F 306 -3.51 -13.23 36.10
CA PRO F 306 -3.32 -11.84 35.63
C PRO F 306 -2.51 -10.99 36.59
N LEU F 307 -2.67 -11.18 37.90
CA LEU F 307 -1.88 -10.44 38.86
C LEU F 307 -0.42 -10.88 38.89
N ALA F 308 -0.09 -11.98 38.20
CA ALA F 308 1.28 -12.50 38.19
C ALA F 308 2.05 -12.14 36.92
N ILE F 309 1.37 -11.77 35.84
CA ILE F 309 2.02 -11.40 34.59
C ILE F 309 1.74 -9.95 34.21
N THR F 310 0.46 -9.55 34.23
CA THR F 310 0.13 -8.17 33.88
C THR F 310 0.76 -7.19 34.86
N ALA F 311 0.66 -7.47 36.15
CA ALA F 311 1.31 -6.62 37.15
C ALA F 311 2.83 -6.71 37.03
N PHE F 312 3.36 -7.91 36.80
CA PHE F 312 4.81 -8.09 36.71
C PHE F 312 5.36 -7.41 35.46
N PHE F 313 4.71 -7.59 34.32
CA PHE F 313 5.19 -6.98 33.09
C PHE F 313 5.05 -5.46 33.12
N TYR F 314 3.97 -4.95 33.72
CA TYR F 314 3.85 -3.51 33.89
C TYR F 314 4.90 -2.99 34.87
N THR F 315 5.29 -3.80 35.85
CA THR F 315 6.37 -3.41 36.75
C THR F 315 7.69 -3.30 36.01
N LEU F 316 7.94 -4.19 35.05
CA LEU F 316 9.16 -4.11 34.25
C LEU F 316 9.21 -2.86 33.39
N MET F 317 8.06 -2.23 33.13
CA MET F 317 8.05 -0.99 32.38
C MET F 317 8.77 0.11 33.14
N THR F 318 8.51 0.23 34.45
CA THR F 318 9.14 1.28 35.24
C THR F 318 10.64 1.10 35.30
N CYS F 319 11.11 -0.13 35.45
CA CYS F 319 12.55 -0.38 35.49
C CYS F 319 13.21 -0.12 34.14
N GLU F 320 12.44 -0.14 33.05
CA GLU F 320 12.97 0.08 31.71
C GLU F 320 12.61 1.44 31.14
N MET F 321 11.32 1.79 31.11
CA MET F 321 10.90 3.05 30.52
C MET F 321 11.41 4.24 31.34
N LEU F 322 11.28 4.16 32.66
CA LEU F 322 11.70 5.27 33.51
C LEU F 322 13.20 5.19 33.84
N ARG F 323 13.63 4.08 34.41
CA ARG F 323 15.04 3.90 34.76
C ARG F 323 15.87 3.55 33.53
N LEU F 332 15.02 17.32 29.50
CA LEU F 332 14.35 16.19 30.12
C LEU F 332 13.11 16.64 30.89
N ASN F 333 12.78 17.92 30.75
CA ASN F 333 11.61 18.46 31.45
C ASN F 333 10.32 17.81 30.96
N ASP F 334 10.21 17.61 29.64
CA ASP F 334 9.04 16.99 29.05
C ASP F 334 9.17 15.48 28.91
N HIS F 335 10.27 14.90 29.39
CA HIS F 335 10.48 13.46 29.28
C HIS F 335 10.00 12.72 30.52
N LEU F 336 10.55 13.07 31.69
CA LEU F 336 10.15 12.40 32.92
C LEU F 336 8.70 12.68 33.27
N LYS F 337 8.25 13.92 33.11
CA LYS F 337 6.89 14.27 33.48
C LYS F 337 5.86 13.52 32.63
N GLN F 338 6.10 13.45 31.30
CA GLN F 338 5.19 12.74 30.43
C GLN F 338 5.23 11.23 30.70
N ARG F 339 6.41 10.69 30.99
CA ARG F 339 6.53 9.26 31.22
C ARG F 339 5.95 8.85 32.57
N ARG F 340 5.94 9.76 33.53
CA ARG F 340 5.38 9.45 34.85
C ARG F 340 3.89 9.15 34.76
N GLU F 341 3.16 9.91 33.94
CA GLU F 341 1.72 9.69 33.81
C GLU F 341 1.42 8.36 33.13
N VAL F 342 2.30 7.90 32.23
CA VAL F 342 2.09 6.62 31.57
C VAL F 342 2.13 5.48 32.59
N ALA F 343 3.12 5.50 33.49
CA ALA F 343 3.19 4.49 34.54
C ALA F 343 2.00 4.61 35.49
N LYS F 344 1.60 5.84 35.83
CA LYS F 344 0.46 6.03 36.71
C LYS F 344 -0.83 5.53 36.08
N THR F 345 -1.03 5.80 34.78
CA THR F 345 -2.25 5.39 34.11
C THR F 345 -2.26 3.92 33.73
N VAL F 346 -1.13 3.22 33.82
CA VAL F 346 -1.08 1.80 33.54
C VAL F 346 -1.14 0.95 34.82
N PHE F 347 -0.72 1.50 35.96
CA PHE F 347 -0.88 0.78 37.22
C PHE F 347 -2.31 0.85 37.73
N CYS F 348 -3.04 1.92 37.40
CA CYS F 348 -4.45 2.01 37.78
C CYS F 348 -5.29 1.00 37.02
N LEU F 349 -4.88 0.64 35.80
CA LEU F 349 -5.63 -0.34 35.03
C LEU F 349 -5.63 -1.71 35.72
N VAL F 350 -4.47 -2.12 36.26
CA VAL F 350 -4.41 -3.37 36.99
C VAL F 350 -4.97 -3.25 38.40
N LEU F 351 -4.99 -2.03 38.96
CA LEU F 351 -5.62 -1.83 40.27
C LEU F 351 -7.13 -1.86 40.15
N VAL F 352 -7.68 -1.24 39.11
CA VAL F 352 -9.12 -1.28 38.88
C VAL F 352 -9.58 -2.71 38.60
N PHE F 353 -8.82 -3.44 37.79
CA PHE F 353 -9.18 -4.81 37.47
C PHE F 353 -9.19 -5.69 38.71
N ALA F 354 -8.19 -5.54 39.58
CA ALA F 354 -8.16 -6.32 40.81
C ALA F 354 -9.31 -5.95 41.72
N LEU F 355 -9.62 -4.66 41.87
CA LEU F 355 -10.68 -4.23 42.76
C LEU F 355 -12.05 -4.64 42.23
N CYS F 356 -12.25 -4.58 40.91
CA CYS F 356 -13.56 -4.86 40.34
C CYS F 356 -13.93 -6.33 40.50
N TRP F 357 -13.01 -7.25 40.23
CA TRP F 357 -13.29 -8.67 40.31
C TRP F 357 -13.07 -9.25 41.70
N LEU F 358 -12.58 -8.45 42.64
CA LEU F 358 -12.35 -8.96 44.00
C LEU F 358 -13.63 -9.40 44.69
N PRO F 359 -14.71 -8.60 44.74
CA PRO F 359 -15.90 -9.05 45.50
C PRO F 359 -16.50 -10.35 44.99
N LEU F 360 -16.47 -10.58 43.68
CA LEU F 360 -17.02 -11.82 43.14
C LEU F 360 -16.13 -13.01 43.48
N HIS F 361 -14.81 -12.87 43.32
CA HIS F 361 -13.91 -13.97 43.65
C HIS F 361 -13.82 -14.19 45.15
N LEU F 362 -13.87 -13.11 45.94
CA LEU F 362 -13.76 -13.24 47.38
C LEU F 362 -14.95 -14.00 47.95
N SER F 363 -16.15 -13.77 47.44
CA SER F 363 -17.33 -14.47 47.94
C SER F 363 -17.58 -15.76 47.16
N ARG F 364 -16.51 -16.52 46.96
CA ARG F 364 -16.61 -17.92 46.54
C ARG F 364 -15.58 -18.72 47.31
N ILE F 365 -14.62 -18.02 47.92
CA ILE F 365 -13.64 -18.66 48.79
C ILE F 365 -14.21 -18.85 50.19
N LEU F 366 -15.03 -17.91 50.65
CA LEU F 366 -15.68 -18.06 51.94
C LEU F 366 -16.60 -19.28 51.97
N LYS F 367 -17.11 -19.68 50.82
CA LYS F 367 -17.95 -20.88 50.76
C LYS F 367 -17.13 -22.15 50.95
N LEU F 368 -15.82 -22.09 50.69
CA LEU F 368 -14.97 -23.26 50.81
C LEU F 368 -13.94 -23.15 51.92
N THR F 369 -13.98 -22.09 52.73
CA THR F 369 -13.02 -21.92 53.82
C THR F 369 -13.69 -21.99 55.19
N LEU F 370 -14.71 -21.16 55.44
CA LEU F 370 -15.36 -21.13 56.75
C LEU F 370 -16.82 -21.56 56.69
N TYR F 371 -17.31 -22.01 55.55
CA TYR F 371 -18.69 -22.48 55.43
C TYR F 371 -18.74 -23.93 55.87
N ASN F 372 -19.43 -24.20 56.98
CA ASN F 372 -19.54 -25.54 57.53
C ASN F 372 -20.99 -26.03 57.44
N GLN F 373 -21.19 -27.30 57.78
CA GLN F 373 -22.47 -27.96 57.66
C GLN F 373 -23.09 -28.31 59.02
N ASN F 374 -22.49 -27.86 60.11
CA ASN F 374 -22.96 -28.20 61.45
C ASN F 374 -23.43 -27.00 62.26
N ASP F 375 -22.80 -25.84 62.10
CA ASP F 375 -23.19 -24.68 62.89
C ASP F 375 -24.59 -24.22 62.49
N PRO F 376 -25.45 -23.86 63.46
CA PRO F 376 -26.81 -23.40 63.16
C PRO F 376 -26.89 -21.91 62.81
N ASN F 377 -25.98 -21.46 61.95
CA ASN F 377 -26.01 -20.08 61.46
C ASN F 377 -25.68 -20.00 59.98
N ARG F 378 -25.90 -21.08 59.22
CA ARG F 378 -25.61 -21.06 57.79
C ARG F 378 -26.46 -20.03 57.07
N CYS F 379 -27.73 -19.90 57.41
CA CYS F 379 -28.59 -18.95 56.68
C CYS F 379 -28.06 -17.54 56.97
N GLU F 380 -27.84 -17.23 58.24
CA GLU F 380 -27.38 -15.89 58.55
C GLU F 380 -26.06 -15.57 57.85
N LEU F 381 -25.13 -16.52 57.85
CA LEU F 381 -23.85 -16.29 57.19
C LEU F 381 -24.01 -16.22 55.68
N LEU F 382 -24.84 -17.09 55.09
CA LEU F 382 -24.99 -17.11 53.65
C LEU F 382 -25.73 -15.89 53.11
N SER F 383 -26.48 -15.19 53.95
CA SER F 383 -27.12 -13.95 53.51
C SER F 383 -26.09 -12.91 53.12
N PHE F 384 -25.01 -12.80 53.91
CA PHE F 384 -23.89 -11.94 53.52
C PHE F 384 -23.24 -12.45 52.24
N LEU F 385 -23.06 -13.76 52.12
CA LEU F 385 -22.46 -14.33 50.93
C LEU F 385 -23.34 -14.09 49.70
N LEU F 386 -24.65 -14.24 49.85
CA LEU F 386 -25.56 -14.08 48.72
C LEU F 386 -25.54 -12.64 48.20
N VAL F 387 -25.58 -11.67 49.11
CA VAL F 387 -25.55 -10.27 48.67
C VAL F 387 -24.17 -9.89 48.17
N LEU F 388 -23.12 -10.56 48.67
CA LEU F 388 -21.77 -10.29 48.18
C LEU F 388 -21.60 -10.74 46.74
N ASP F 389 -22.30 -11.81 46.34
CA ASP F 389 -22.27 -12.23 44.94
C ASP F 389 -23.11 -11.32 44.07
N TYR F 390 -24.14 -10.69 44.64
CA TYR F 390 -25.03 -9.85 43.85
C TYR F 390 -24.33 -8.60 43.35
N ILE F 391 -23.62 -7.88 44.24
CA ILE F 391 -22.87 -6.71 43.79
C ILE F 391 -21.48 -7.08 43.30
N GLY F 392 -21.04 -8.32 43.50
CA GLY F 392 -19.79 -8.76 42.91
C GLY F 392 -19.85 -8.81 41.39
N ILE F 393 -20.95 -9.34 40.85
CA ILE F 393 -21.11 -9.36 39.40
C ILE F 393 -21.31 -7.95 38.87
N ASN F 394 -21.93 -7.06 39.66
CA ASN F 394 -22.04 -5.67 39.24
C ASN F 394 -20.68 -5.01 39.12
N MET F 395 -19.79 -5.26 40.09
CA MET F 395 -18.43 -4.75 39.99
C MET F 395 -17.65 -5.47 38.90
N ALA F 396 -17.87 -6.77 38.74
CA ALA F 396 -17.19 -7.52 37.68
C ALA F 396 -17.63 -7.03 36.31
N SER F 397 -18.92 -6.74 36.14
CA SER F 397 -19.40 -6.18 34.89
C SER F 397 -18.84 -4.78 34.65
N LEU F 398 -18.62 -4.02 35.73
CA LEU F 398 -18.00 -2.70 35.59
C LEU F 398 -16.58 -2.80 35.07
N ASN F 399 -15.90 -3.92 35.33
CA ASN F 399 -14.55 -4.10 34.82
C ASN F 399 -14.54 -4.09 33.30
N SER F 400 -15.51 -4.77 32.67
CA SER F 400 -15.64 -4.70 31.22
C SER F 400 -16.00 -3.29 30.76
N CYS F 401 -16.55 -2.47 31.65
CA CYS F 401 -16.90 -1.09 31.36
C CYS F 401 -15.75 -0.12 31.59
N ILE F 402 -14.60 -0.61 32.08
CA ILE F 402 -13.51 0.28 32.46
C ILE F 402 -12.63 0.68 31.28
N ASN F 403 -12.34 -0.24 30.37
CA ASN F 403 -11.46 0.09 29.25
C ASN F 403 -12.01 1.22 28.38
N PRO F 404 -13.30 1.23 27.98
CA PRO F 404 -13.82 2.42 27.30
C PRO F 404 -13.71 3.68 28.14
N ILE F 405 -13.89 3.58 29.46
CA ILE F 405 -13.67 4.73 30.33
C ILE F 405 -12.19 5.07 30.39
N ALA F 406 -11.33 4.05 30.49
CA ALA F 406 -9.89 4.30 30.51
C ALA F 406 -9.42 4.93 29.21
N LEU F 407 -9.95 4.46 28.08
CA LEU F 407 -9.63 5.06 26.78
C LEU F 407 -10.21 6.45 26.62
N TYR F 408 -11.10 6.88 27.52
CA TYR F 408 -11.67 8.22 27.48
C TYR F 408 -10.85 9.22 28.29
N LEU F 409 -10.40 8.82 29.47
CA LEU F 409 -9.59 9.73 30.31
C LEU F 409 -8.18 9.88 29.79
N VAL F 410 -7.68 8.91 29.03
CA VAL F 410 -6.34 8.93 28.47
C VAL F 410 -6.44 8.66 26.97
N SER F 411 -5.29 8.63 26.30
CA SER F 411 -5.21 8.37 24.86
C SER F 411 -6.00 9.42 24.07
N LYS F 412 -5.47 10.65 24.13
CA LYS F 412 -6.11 11.79 23.48
C LYS F 412 -6.32 11.60 21.98
N ARG F 413 -5.75 10.56 21.38
CA ARG F 413 -6.08 10.22 19.99
C ARG F 413 -7.55 9.86 19.85
N PHE F 414 -8.10 9.16 20.84
CA PHE F 414 -9.50 8.75 20.82
C PHE F 414 -10.46 9.91 21.03
N LYS F 415 -9.96 11.10 21.37
CA LYS F 415 -10.84 12.26 21.56
C LYS F 415 -11.62 12.56 20.27
N ASN F 416 -10.92 12.57 19.13
CA ASN F 416 -11.60 12.82 17.87
C ASN F 416 -12.52 11.68 17.49
N CYS F 417 -12.11 10.44 17.77
CA CYS F 417 -12.95 9.29 17.44
C CYS F 417 -14.25 9.30 18.24
N PHE F 418 -14.17 9.60 19.54
CA PHE F 418 -15.37 9.66 20.36
C PHE F 418 -16.27 10.83 19.94
N LYS F 419 -15.67 11.98 19.63
CA LYS F 419 -16.46 13.13 19.20
C LYS F 419 -17.16 12.85 17.88
N SER F 420 -16.47 12.21 16.95
CA SER F 420 -17.05 11.90 15.65
C SER F 420 -18.07 10.77 15.75
#